data_2AY9
#
_entry.id   2AY9
#
_cell.length_a   123.780
_cell.length_b   120.940
_cell.length_c   54.900
_cell.angle_alpha   90.00
_cell.angle_beta   90.00
_cell.angle_gamma   90.00
#
_symmetry.space_group_name_H-M   'P 21 21 21'
#
loop_
_entity.id
_entity.type
_entity.pdbx_description
1 polymer 'AROMATIC AMINO ACID AMINOTRANSFERASE'
2 non-polymer "PYRIDOXAL-5'-PHOSPHATE"
3 non-polymer '5-PHENYLVALERIC ACID'
4 water water
#
_entity_poly.entity_id   1
_entity_poly.type   'polypeptide(L)'
_entity_poly.pdbx_seq_one_letter_code
;MLGNLKPQAPDKILALMGEFRADPRQGKIDLGVGVYKDATGHTPIMRAVHAAEQRMLETETTKTYAGLSGEPEFQKAMGE
LILGDGLKSETTATLATVGGTGALRQALELARMANPDLRVFVSDPTWPNHVSIMNFMGLPVQTYRYFDAETRGVDFEGMK
ADLAAAKKGDMVLLHGCCHNPTGANLTLDQWAEIASILEKTGALPLIDLAYQGFGDGLEEDAAGTRLIASRIPEVLIAAS
CSKNFGIYRERTGCLLALCADAATRELAQGAMAFLNRQTYSFPPFHGAKIVSTVLTTPELRADWMAELEAVRSGMLRLRE
QLAGELRDLSGSDRFGFVAEHRGMFSRLGATPEQVKRIKEEFGIYMVGDSRINIAGLNDNTIPILARAIIEVGV
;
_entity_poly.pdbx_strand_id   A,B
#
# COMPACT_ATOMS: atom_id res chain seq x y z
N MET A 1 5.95 -25.41 7.35
CA MET A 1 6.66 -24.27 7.99
C MET A 1 5.68 -23.24 8.60
N LEU A 2 4.60 -22.94 7.88
CA LEU A 2 3.61 -21.96 8.34
C LEU A 2 2.90 -22.35 9.63
N GLY A 3 2.98 -23.63 9.99
CA GLY A 3 2.33 -24.09 11.20
C GLY A 3 2.98 -23.53 12.44
N ASN A 4 4.21 -23.05 12.28
CA ASN A 4 4.96 -22.48 13.39
C ASN A 4 4.35 -21.14 13.81
N LEU A 5 4.10 -20.29 12.83
CA LEU A 5 3.50 -18.96 12.98
C LEU A 5 2.68 -18.77 14.27
N LYS A 6 3.03 -17.79 15.08
CA LYS A 6 2.27 -17.56 16.31
C LYS A 6 0.94 -16.86 16.01
N PRO A 7 -0.12 -17.26 16.71
CA PRO A 7 -1.46 -16.70 16.53
C PRO A 7 -1.46 -15.18 16.65
N GLN A 8 -1.93 -14.52 15.60
CA GLN A 8 -1.99 -13.06 15.60
C GLN A 8 -3.40 -12.63 15.96
N ALA A 9 -3.52 -11.85 17.02
CA ALA A 9 -4.82 -11.36 17.49
C ALA A 9 -5.54 -10.56 16.41
N PRO A 10 -6.86 -10.72 16.34
CA PRO A 10 -7.76 -10.05 15.39
C PRO A 10 -7.65 -8.53 15.42
N ASP A 11 -8.28 -7.88 14.45
CA ASP A 11 -8.26 -6.42 14.35
C ASP A 11 -9.13 -5.73 15.40
N LYS A 12 -9.80 -6.53 16.22
CA LYS A 12 -10.67 -6.05 17.30
C LYS A 12 -11.92 -5.25 16.87
N ILE A 13 -11.85 -4.55 15.74
CA ILE A 13 -13.00 -3.78 15.26
C ILE A 13 -14.14 -4.78 14.99
N LEU A 14 -13.79 -5.91 14.41
CA LEU A 14 -14.75 -6.96 14.10
C LEU A 14 -15.43 -7.50 15.36
N ALA A 15 -14.67 -7.56 16.45
CA ALA A 15 -15.20 -8.04 17.72
C ALA A 15 -16.17 -7.03 18.29
N LEU A 16 -15.87 -5.75 18.10
CA LEU A 16 -16.73 -4.67 18.57
C LEU A 16 -18.08 -4.81 17.87
N MET A 17 -18.04 -4.95 16.55
CA MET A 17 -19.25 -5.09 15.75
C MET A 17 -19.95 -6.42 15.99
N GLY A 18 -19.17 -7.44 16.33
CA GLY A 18 -19.72 -8.77 16.57
C GLY A 18 -20.83 -8.78 17.61
N GLU A 19 -20.54 -8.31 18.81
CA GLU A 19 -21.53 -8.28 19.87
C GLU A 19 -22.67 -7.32 19.56
N PHE A 20 -22.38 -6.23 18.84
CA PHE A 20 -23.40 -5.26 18.49
C PHE A 20 -24.48 -5.86 17.61
N ARG A 21 -24.07 -6.53 16.54
CA ARG A 21 -25.03 -7.14 15.62
C ARG A 21 -25.86 -8.20 16.32
N ALA A 22 -25.23 -8.94 17.22
CA ALA A 22 -25.91 -9.99 17.95
C ALA A 22 -26.96 -9.47 18.92
N ASP A 23 -26.91 -8.17 19.24
CA ASP A 23 -27.85 -7.57 20.18
C ASP A 23 -29.28 -7.57 19.63
N PRO A 24 -30.21 -8.24 20.33
CA PRO A 24 -31.60 -8.31 19.89
C PRO A 24 -32.48 -7.11 20.26
N ARG A 25 -31.87 -6.04 20.74
CA ARG A 25 -32.63 -4.84 21.13
C ARG A 25 -32.81 -3.91 19.94
N GLN A 26 -34.06 -3.63 19.60
CA GLN A 26 -34.35 -2.78 18.46
C GLN A 26 -33.84 -1.35 18.60
N GLY A 27 -33.58 -0.91 19.81
CA GLY A 27 -33.09 0.44 20.03
C GLY A 27 -31.62 0.57 20.41
N LYS A 28 -30.81 -0.40 20.06
CA LYS A 28 -29.38 -0.37 20.38
C LYS A 28 -28.69 0.76 19.59
N ILE A 29 -27.66 1.36 20.19
CA ILE A 29 -26.92 2.46 19.57
C ILE A 29 -25.43 2.10 19.45
N ASP A 30 -24.78 2.59 18.39
CA ASP A 30 -23.37 2.28 18.18
C ASP A 30 -22.48 3.52 18.03
N LEU A 31 -21.80 3.90 19.11
CA LEU A 31 -20.90 5.06 19.07
C LEU A 31 -19.45 4.62 18.94
N GLY A 32 -19.24 3.34 18.64
CA GLY A 32 -17.89 2.83 18.49
C GLY A 32 -17.33 3.00 17.10
N VAL A 33 -18.16 3.38 16.14
CA VAL A 33 -17.69 3.55 14.77
C VAL A 33 -16.49 4.48 14.72
N GLY A 34 -15.57 4.20 13.80
CA GLY A 34 -14.39 5.03 13.67
C GLY A 34 -14.40 5.83 12.37
N VAL A 35 -15.58 5.96 11.77
CA VAL A 35 -15.72 6.70 10.53
C VAL A 35 -16.88 7.68 10.67
N TYR A 36 -16.95 8.64 9.76
CA TYR A 36 -18.02 9.62 9.79
C TYR A 36 -19.30 9.00 9.23
N LYS A 37 -20.43 9.39 9.78
CA LYS A 37 -21.72 8.91 9.33
C LYS A 37 -22.66 10.09 9.37
N ASP A 38 -23.41 10.31 8.29
CA ASP A 38 -24.34 11.43 8.27
C ASP A 38 -25.60 11.09 9.06
N ALA A 39 -26.57 12.00 9.01
CA ALA A 39 -27.84 11.85 9.73
C ALA A 39 -28.56 10.52 9.49
N THR A 40 -28.39 9.96 8.31
CA THR A 40 -29.03 8.71 7.94
C THR A 40 -28.20 7.46 8.21
N GLY A 41 -27.12 7.61 8.95
CA GLY A 41 -26.27 6.47 9.27
C GLY A 41 -25.31 6.04 8.17
N HIS A 42 -25.20 6.83 7.11
CA HIS A 42 -24.32 6.47 6.00
C HIS A 42 -23.04 7.28 5.94
N THR A 43 -22.01 6.68 5.35
CA THR A 43 -20.71 7.32 5.15
C THR A 43 -20.74 7.69 3.66
N PRO A 44 -21.37 8.83 3.34
CA PRO A 44 -21.46 9.27 1.95
C PRO A 44 -20.17 9.58 1.21
N ILE A 45 -20.24 9.57 -0.11
CA ILE A 45 -19.11 9.89 -0.95
C ILE A 45 -19.30 11.38 -1.19
N MET A 46 -18.28 12.18 -0.89
CA MET A 46 -18.36 13.62 -1.08
C MET A 46 -18.62 14.01 -2.53
N ARG A 47 -19.52 14.97 -2.72
CA ARG A 47 -19.90 15.47 -4.04
C ARG A 47 -18.71 15.73 -4.95
N ALA A 48 -17.69 16.40 -4.41
CA ALA A 48 -16.48 16.74 -5.17
C ALA A 48 -15.71 15.49 -5.56
N VAL A 49 -15.67 14.51 -4.67
CA VAL A 49 -14.96 13.25 -4.93
C VAL A 49 -15.60 12.51 -6.11
N HIS A 50 -16.93 12.50 -6.15
CA HIS A 50 -17.67 11.87 -7.24
C HIS A 50 -17.48 12.68 -8.52
N ALA A 51 -17.26 13.98 -8.36
CA ALA A 51 -17.04 14.86 -9.51
C ALA A 51 -15.68 14.56 -10.10
N ALA A 52 -14.69 14.39 -9.22
CA ALA A 52 -13.32 14.10 -9.62
C ALA A 52 -13.22 12.73 -10.31
N GLU A 53 -13.94 11.73 -9.80
CA GLU A 53 -13.91 10.40 -10.42
C GLU A 53 -14.49 10.34 -11.82
N GLN A 54 -15.47 11.19 -12.13
CA GLN A 54 -16.07 11.21 -13.46
C GLN A 54 -15.08 11.85 -14.42
N ARG A 55 -14.42 12.92 -13.97
CA ARG A 55 -13.45 13.63 -14.81
C ARG A 55 -12.25 12.74 -15.11
N MET A 56 -11.82 11.96 -14.13
CA MET A 56 -10.69 11.05 -14.32
C MET A 56 -11.11 9.99 -15.31
N LEU A 57 -12.36 9.53 -15.17
CA LEU A 57 -12.91 8.52 -16.04
C LEU A 57 -12.97 8.94 -17.52
N GLU A 58 -13.09 10.24 -17.74
CA GLU A 58 -13.14 10.78 -19.09
C GLU A 58 -11.79 11.20 -19.63
N THR A 59 -10.82 11.47 -18.74
CA THR A 59 -9.52 11.94 -19.19
C THR A 59 -8.29 11.05 -19.08
N GLU A 60 -8.35 10.02 -18.26
CA GLU A 60 -7.20 9.12 -18.13
C GLU A 60 -7.16 8.28 -19.39
N THR A 61 -6.01 8.25 -20.03
CA THR A 61 -5.85 7.50 -21.28
C THR A 61 -4.98 6.26 -21.10
N THR A 62 -4.27 6.21 -19.98
CA THR A 62 -3.37 5.10 -19.68
C THR A 62 -3.37 4.85 -18.20
N LYS A 63 -2.80 3.73 -17.81
CA LYS A 63 -2.68 3.36 -16.41
C LYS A 63 -1.27 2.82 -16.15
N THR A 64 -0.32 3.23 -17.01
CA THR A 64 1.06 2.79 -16.88
C THR A 64 1.62 3.24 -15.55
N TYR A 65 2.76 2.66 -15.19
CA TYR A 65 3.44 3.03 -13.97
C TYR A 65 3.70 4.54 -14.02
N ALA A 66 3.43 5.23 -12.90
CA ALA A 66 3.64 6.67 -12.83
C ALA A 66 4.72 6.98 -11.78
N GLY A 67 4.50 8.00 -10.95
CA GLY A 67 5.50 8.36 -9.96
C GLY A 67 5.78 7.43 -8.80
N LEU A 68 7.04 7.04 -8.64
CA LEU A 68 7.46 6.16 -7.56
C LEU A 68 7.13 6.71 -6.18
N SER A 69 7.36 8.01 -6.01
CA SER A 69 7.08 8.69 -4.74
C SER A 69 5.79 9.51 -4.83
N GLY A 70 5.02 9.26 -5.87
CA GLY A 70 3.79 9.99 -6.06
C GLY A 70 3.91 10.96 -7.22
N GLU A 71 2.76 11.51 -7.60
CA GLU A 71 2.69 12.45 -8.70
C GLU A 71 2.84 13.86 -8.16
N PRO A 72 3.59 14.71 -8.89
CA PRO A 72 3.85 16.11 -8.54
C PRO A 72 2.59 16.89 -8.18
N GLU A 73 1.52 16.71 -8.94
CA GLU A 73 0.27 17.41 -8.63
C GLU A 73 -0.21 17.14 -7.19
N PHE A 74 -0.03 15.90 -6.74
CA PHE A 74 -0.46 15.47 -5.41
C PHE A 74 0.46 15.98 -4.30
N GLN A 75 1.76 15.85 -4.51
CA GLN A 75 2.75 16.31 -3.51
C GLN A 75 2.62 17.80 -3.22
N LYS A 76 2.59 18.61 -4.28
CA LYS A 76 2.50 20.05 -4.14
C LYS A 76 1.18 20.44 -3.49
N ALA A 77 0.07 19.99 -4.06
CA ALA A 77 -1.24 20.31 -3.52
C ALA A 77 -1.37 19.93 -2.05
N MET A 78 -0.86 18.76 -1.68
CA MET A 78 -0.92 18.31 -0.30
C MET A 78 -0.05 19.14 0.62
N GLY A 79 1.16 19.47 0.18
CA GLY A 79 2.05 20.29 0.99
C GLY A 79 1.43 21.67 1.20
N GLU A 80 0.74 22.18 0.20
CA GLU A 80 0.08 23.47 0.28
C GLU A 80 -1.12 23.40 1.24
N LEU A 81 -1.90 22.35 1.12
CA LEU A 81 -3.06 22.16 1.97
C LEU A 81 -2.62 22.12 3.44
N ILE A 82 -1.46 21.53 3.70
CA ILE A 82 -0.95 21.42 5.05
C ILE A 82 -0.14 22.63 5.55
N LEU A 83 0.93 22.97 4.83
CA LEU A 83 1.82 24.06 5.21
C LEU A 83 1.47 25.44 4.67
N GLY A 84 0.40 25.51 3.88
CA GLY A 84 -0.03 26.77 3.32
C GLY A 84 1.11 27.54 2.66
N ASP A 85 1.07 28.86 2.81
CA ASP A 85 2.09 29.74 2.25
C ASP A 85 3.47 29.41 2.79
N GLY A 86 3.52 28.75 3.93
CA GLY A 86 4.78 28.41 4.55
C GLY A 86 5.52 27.27 3.88
N LEU A 87 4.99 26.75 2.79
CA LEU A 87 5.63 25.64 2.10
C LEU A 87 6.95 25.99 1.40
N LYS A 88 8.06 25.49 1.94
CA LYS A 88 9.37 25.71 1.38
C LYS A 88 9.79 24.51 0.53
N SER A 89 9.44 24.56 -0.74
CA SER A 89 9.76 23.49 -1.68
C SER A 89 11.21 23.00 -1.61
N GLU A 90 12.14 23.95 -1.53
CA GLU A 90 13.57 23.65 -1.47
C GLU A 90 14.01 22.65 -0.39
N THR A 91 13.39 22.70 0.79
CA THR A 91 13.78 21.80 1.87
C THR A 91 12.70 20.80 2.29
N THR A 92 11.66 20.66 1.47
CA THR A 92 10.56 19.75 1.74
C THR A 92 10.60 18.48 0.86
N ALA A 93 10.66 17.33 1.51
CA ALA A 93 10.66 16.04 0.82
C ALA A 93 9.23 15.45 0.95
N THR A 94 8.67 14.97 -0.15
CA THR A 94 7.31 14.43 -0.09
C THR A 94 7.19 13.02 -0.64
N LEU A 95 6.34 12.21 -0.01
CA LEU A 95 6.13 10.82 -0.41
C LEU A 95 4.64 10.44 -0.37
N ALA A 96 4.11 10.01 -1.51
CA ALA A 96 2.71 9.58 -1.55
C ALA A 96 2.75 8.22 -0.88
N THR A 97 1.81 7.98 0.01
CA THR A 97 1.77 6.74 0.75
C THR A 97 0.43 6.03 0.64
N VAL A 98 0.34 4.88 1.30
CA VAL A 98 -0.87 4.07 1.36
C VAL A 98 -1.56 4.50 2.65
N GLY A 99 -2.30 5.60 2.57
CA GLY A 99 -2.99 6.12 3.73
C GLY A 99 -2.07 6.77 4.76
N GLY A 100 -2.67 7.31 5.81
CA GLY A 100 -1.91 7.92 6.87
C GLY A 100 -1.04 6.86 7.53
N THR A 101 -1.59 5.67 7.76
CA THR A 101 -0.84 4.58 8.39
C THR A 101 0.42 4.29 7.62
N GLY A 102 0.33 4.22 6.30
CA GLY A 102 1.51 3.95 5.50
C GLY A 102 2.50 5.08 5.73
N ALA A 103 1.99 6.30 5.87
CA ALA A 103 2.82 7.47 6.11
C ALA A 103 3.54 7.33 7.45
N LEU A 104 2.80 6.92 8.48
CA LEU A 104 3.39 6.73 9.82
C LEU A 104 4.50 5.68 9.79
N ARG A 105 4.22 4.54 9.16
CA ARG A 105 5.17 3.45 9.05
C ARG A 105 6.43 3.88 8.28
N GLN A 106 6.21 4.57 7.16
CA GLN A 106 7.33 5.04 6.35
C GLN A 106 8.16 6.06 7.12
N ALA A 107 7.49 6.88 7.93
CA ALA A 107 8.16 7.90 8.74
C ALA A 107 9.10 7.24 9.74
N LEU A 108 8.59 6.18 10.40
CA LEU A 108 9.33 5.42 11.40
C LEU A 108 10.51 4.68 10.75
N GLU A 109 10.31 4.19 9.53
CA GLU A 109 11.37 3.50 8.80
C GLU A 109 12.49 4.49 8.47
N LEU A 110 12.09 5.66 7.97
CA LEU A 110 13.02 6.72 7.59
C LEU A 110 13.84 7.16 8.80
N ALA A 111 13.15 7.44 9.90
CA ALA A 111 13.80 7.86 11.13
C ALA A 111 14.82 6.82 11.61
N ARG A 112 14.37 5.58 11.71
CA ARG A 112 15.22 4.48 12.16
C ARG A 112 16.45 4.32 11.25
N MET A 113 16.32 4.66 9.97
CA MET A 113 17.44 4.56 9.05
C MET A 113 18.51 5.58 9.44
N ALA A 114 18.07 6.80 9.74
CA ALA A 114 18.95 7.89 10.13
C ALA A 114 19.51 7.72 11.53
N ASN A 115 18.69 7.15 12.41
CA ASN A 115 19.09 6.94 13.80
C ASN A 115 18.59 5.58 14.28
N PRO A 116 19.48 4.58 14.30
CA PRO A 116 19.15 3.22 14.74
C PRO A 116 18.68 3.18 16.19
N ASP A 117 19.30 3.99 17.04
CA ASP A 117 18.98 4.02 18.46
C ASP A 117 17.79 4.93 18.82
N LEU A 118 16.92 5.16 17.85
CA LEU A 118 15.73 5.99 18.02
C LEU A 118 14.73 5.43 19.01
N ARG A 119 14.13 6.32 19.81
CA ARG A 119 13.10 5.94 20.79
C ARG A 119 11.91 6.81 20.38
N VAL A 120 10.70 6.39 20.69
CA VAL A 120 9.55 7.18 20.31
C VAL A 120 8.64 7.44 21.50
N PHE A 121 8.27 8.71 21.67
CA PHE A 121 7.38 9.13 22.74
C PHE A 121 6.01 9.32 22.11
N VAL A 122 5.01 8.67 22.68
CA VAL A 122 3.63 8.78 22.18
C VAL A 122 2.78 9.35 23.31
N SER A 123 1.63 9.91 22.99
CA SER A 123 0.80 10.47 24.02
C SER A 123 0.13 9.40 24.84
N ASP A 124 -0.49 9.79 25.93
CA ASP A 124 -1.18 8.86 26.80
C ASP A 124 -2.59 9.39 26.98
N PRO A 125 -3.58 8.80 26.29
CA PRO A 125 -3.46 7.68 25.36
C PRO A 125 -3.26 8.18 23.93
N THR A 126 -3.22 7.24 23.00
CA THR A 126 -3.05 7.57 21.60
C THR A 126 -3.63 6.43 20.76
N TRP A 127 -3.77 6.70 19.46
CA TRP A 127 -4.27 5.73 18.48
C TRP A 127 -3.51 4.41 18.67
N PRO A 128 -4.19 3.33 19.10
CA PRO A 128 -3.59 2.02 19.32
C PRO A 128 -2.64 1.54 18.23
N ASN A 129 -2.97 1.83 16.99
CA ASN A 129 -2.14 1.42 15.87
C ASN A 129 -0.73 1.97 15.94
N HIS A 130 -0.58 3.10 16.60
CA HIS A 130 0.72 3.73 16.78
C HIS A 130 1.62 2.73 17.50
N VAL A 131 1.15 2.33 18.67
CA VAL A 131 1.86 1.39 19.51
C VAL A 131 2.15 0.08 18.79
N SER A 132 1.12 -0.51 18.18
CA SER A 132 1.30 -1.78 17.50
C SER A 132 2.34 -1.79 16.37
N ILE A 133 2.38 -0.71 15.59
CA ILE A 133 3.34 -0.62 14.49
C ILE A 133 4.73 -0.53 15.08
N MET A 134 4.88 0.27 16.11
CA MET A 134 6.17 0.46 16.76
C MET A 134 6.65 -0.86 17.36
N ASN A 135 5.80 -1.50 18.16
CA ASN A 135 6.12 -2.78 18.76
C ASN A 135 6.58 -3.75 17.69
N PHE A 136 5.84 -3.82 16.58
CA PHE A 136 6.18 -4.70 15.48
C PHE A 136 7.54 -4.34 14.91
N MET A 137 7.87 -3.05 14.86
CA MET A 137 9.17 -2.65 14.35
C MET A 137 10.24 -2.89 15.38
N GLY A 138 9.83 -3.07 16.63
CA GLY A 138 10.78 -3.31 17.71
C GLY A 138 11.40 -2.06 18.31
N LEU A 139 10.84 -0.91 17.97
CA LEU A 139 11.33 0.38 18.47
C LEU A 139 10.98 0.55 19.94
N PRO A 140 11.86 1.23 20.70
CA PRO A 140 11.60 1.46 22.13
C PRO A 140 10.46 2.48 22.15
N VAL A 141 9.51 2.31 23.04
CA VAL A 141 8.38 3.25 23.10
C VAL A 141 8.18 3.77 24.51
N GLN A 142 8.12 5.09 24.64
CA GLN A 142 7.92 5.75 25.90
C GLN A 142 6.62 6.47 25.77
N THR A 143 6.07 6.85 26.90
CA THR A 143 4.80 7.56 26.96
C THR A 143 4.95 8.91 27.67
N TYR A 144 4.21 9.91 27.20
CA TYR A 144 4.23 11.21 27.86
C TYR A 144 2.79 11.48 28.25
N ARG A 145 2.57 12.02 29.45
CA ARG A 145 1.21 12.31 29.92
C ARG A 145 0.44 13.18 28.94
N TYR A 146 -0.88 13.00 28.90
CA TYR A 146 -1.72 13.77 27.99
C TYR A 146 -3.14 14.01 28.50
N PHE A 147 -4.00 13.00 28.43
CA PHE A 147 -5.37 13.17 28.85
C PHE A 147 -5.43 13.25 30.35
N ASP A 148 -6.26 14.14 30.87
CA ASP A 148 -6.44 14.25 32.31
C ASP A 148 -7.84 13.70 32.56
N ALA A 149 -7.91 12.46 33.03
CA ALA A 149 -9.17 11.78 33.29
C ALA A 149 -10.17 12.54 34.16
N GLU A 150 -9.67 13.46 35.00
CA GLU A 150 -10.54 14.22 35.89
C GLU A 150 -11.25 15.38 35.20
N THR A 151 -10.53 16.11 34.37
CA THR A 151 -11.10 17.26 33.67
C THR A 151 -11.39 16.94 32.22
N ARG A 152 -10.93 15.79 31.75
CA ARG A 152 -11.08 15.37 30.37
C ARG A 152 -10.37 16.33 29.43
N GLY A 153 -9.42 17.09 29.96
CA GLY A 153 -8.69 18.04 29.15
C GLY A 153 -7.26 17.58 28.97
N VAL A 154 -6.36 18.50 28.66
CA VAL A 154 -4.95 18.17 28.47
C VAL A 154 -4.12 18.48 29.70
N ASP A 155 -3.53 17.44 30.27
CA ASP A 155 -2.66 17.54 31.44
C ASP A 155 -1.33 18.07 30.90
N PHE A 156 -1.30 19.35 30.52
CA PHE A 156 -0.12 19.99 29.93
C PHE A 156 1.15 20.00 30.77
N GLU A 157 1.01 20.25 32.06
CA GLU A 157 2.17 20.27 32.93
C GLU A 157 2.81 18.89 32.89
N GLY A 158 1.97 17.85 32.91
CA GLY A 158 2.47 16.48 32.87
C GLY A 158 3.12 16.17 31.54
N MET A 159 2.52 16.67 30.47
CA MET A 159 3.05 16.45 29.14
C MET A 159 4.47 17.06 29.04
N LYS A 160 4.58 18.32 29.46
CA LYS A 160 5.87 19.02 29.41
C LYS A 160 6.93 18.35 30.28
N ALA A 161 6.56 17.97 31.50
CA ALA A 161 7.49 17.32 32.41
C ALA A 161 8.10 16.06 31.79
N ASP A 162 7.25 15.26 31.14
CA ASP A 162 7.69 14.01 30.50
C ASP A 162 8.45 14.22 29.19
N LEU A 163 7.98 15.16 28.37
CA LEU A 163 8.63 15.45 27.10
C LEU A 163 10.04 15.96 27.35
N ALA A 164 10.27 16.52 28.53
CA ALA A 164 11.59 17.06 28.89
C ALA A 164 12.68 15.99 28.94
N ALA A 165 12.27 14.74 29.14
CA ALA A 165 13.21 13.63 29.19
C ALA A 165 13.68 13.16 27.81
N ALA A 166 13.00 13.57 26.74
CA ALA A 166 13.41 13.18 25.40
C ALA A 166 14.83 13.66 25.17
N LYS A 167 15.61 12.89 24.42
CA LYS A 167 16.98 13.26 24.13
C LYS A 167 17.09 13.66 22.66
N LYS A 168 18.28 14.07 22.26
CA LYS A 168 18.51 14.46 20.87
C LYS A 168 18.34 13.22 20.01
N GLY A 169 17.61 13.35 18.91
CA GLY A 169 17.41 12.22 18.04
C GLY A 169 16.18 11.37 18.35
N ASP A 170 15.59 11.54 19.54
CA ASP A 170 14.41 10.78 19.88
C ASP A 170 13.27 11.37 19.08
N MET A 171 12.22 10.60 18.89
CA MET A 171 11.07 11.02 18.12
C MET A 171 9.87 11.22 19.03
N VAL A 172 9.23 12.37 18.93
CA VAL A 172 8.04 12.67 19.74
C VAL A 172 6.84 12.73 18.80
N LEU A 173 5.88 11.84 19.00
CA LEU A 173 4.70 11.78 18.15
C LEU A 173 3.59 12.69 18.67
N LEU A 174 3.14 13.60 17.81
CA LEU A 174 2.09 14.56 18.15
C LEU A 174 0.93 14.48 17.18
N HIS A 175 -0.29 14.59 17.70
CA HIS A 175 -1.45 14.61 16.84
C HIS A 175 -1.61 16.09 16.55
N GLY A 176 -1.53 16.46 15.27
CA GLY A 176 -1.64 17.85 14.87
C GLY A 176 -2.95 18.49 15.26
N CYS A 177 -4.01 17.70 15.34
CA CYS A 177 -5.33 18.20 15.72
C CYS A 177 -6.30 17.05 15.94
N CYS A 178 -7.46 17.35 16.53
CA CYS A 178 -8.50 16.36 16.78
C CYS A 178 -7.89 15.07 17.31
N HIS A 179 -7.31 15.15 18.50
CA HIS A 179 -6.66 14.00 19.09
C HIS A 179 -7.57 12.79 19.22
N ASN A 180 -7.18 11.72 18.53
CA ASN A 180 -7.88 10.43 18.55
C ASN A 180 -7.13 9.65 19.62
N PRO A 181 -7.85 9.08 20.61
CA PRO A 181 -9.30 9.02 20.88
C PRO A 181 -9.93 10.09 21.78
N THR A 182 -9.12 10.89 22.46
CA THR A 182 -9.59 11.88 23.42
C THR A 182 -10.50 13.03 22.97
N GLY A 183 -10.06 13.77 21.96
CA GLY A 183 -10.83 14.92 21.51
C GLY A 183 -10.29 16.17 22.21
N ALA A 184 -9.35 15.97 23.15
CA ALA A 184 -8.71 17.04 23.92
C ALA A 184 -7.48 17.53 23.16
N ASN A 185 -7.43 18.82 22.87
CA ASN A 185 -6.33 19.36 22.09
C ASN A 185 -5.53 20.49 22.71
N LEU A 186 -4.40 20.82 22.06
CA LEU A 186 -3.54 21.88 22.53
C LEU A 186 -3.94 23.20 21.89
N THR A 187 -3.92 24.26 22.69
CA THR A 187 -4.20 25.62 22.21
C THR A 187 -2.88 26.06 21.57
N LEU A 188 -2.95 26.96 20.58
CA LEU A 188 -1.77 27.46 19.89
C LEU A 188 -0.62 27.90 20.83
N ASP A 189 -0.98 28.37 22.02
CA ASP A 189 0.02 28.79 22.99
C ASP A 189 0.78 27.60 23.55
N GLN A 190 0.07 26.51 23.83
CA GLN A 190 0.69 25.30 24.36
C GLN A 190 1.60 24.72 23.29
N TRP A 191 1.15 24.82 22.04
CA TRP A 191 1.94 24.36 20.91
C TRP A 191 3.28 25.10 20.90
N ALA A 192 3.24 26.40 21.20
CA ALA A 192 4.43 27.25 21.24
C ALA A 192 5.42 26.82 22.32
N GLU A 193 4.91 26.37 23.47
CA GLU A 193 5.78 25.89 24.54
C GLU A 193 6.37 24.53 24.13
N ILE A 194 5.55 23.68 23.51
CA ILE A 194 6.02 22.38 23.06
C ILE A 194 7.21 22.57 22.12
N ALA A 195 7.07 23.53 21.20
CA ALA A 195 8.11 23.83 20.24
C ALA A 195 9.40 24.13 20.99
N SER A 196 9.30 24.95 22.04
CA SER A 196 10.46 25.32 22.86
C SER A 196 11.16 24.11 23.44
N ILE A 197 10.37 23.18 23.98
CA ILE A 197 10.90 21.97 24.61
C ILE A 197 11.62 21.14 23.56
N LEU A 198 11.05 21.09 22.36
CA LEU A 198 11.65 20.32 21.29
C LEU A 198 12.98 20.90 20.83
N GLU A 199 13.04 22.22 20.69
CA GLU A 199 14.28 22.87 20.28
C GLU A 199 15.35 22.52 21.32
N LYS A 200 14.99 22.70 22.59
CA LYS A 200 15.86 22.42 23.72
C LYS A 200 16.38 20.98 23.73
N THR A 201 15.48 20.01 23.59
CA THR A 201 15.84 18.60 23.60
C THR A 201 16.44 18.06 22.31
N GLY A 202 16.14 18.71 21.19
CA GLY A 202 16.66 18.23 19.93
C GLY A 202 15.95 17.00 19.41
N ALA A 203 14.77 16.72 19.96
CA ALA A 203 13.97 15.58 19.55
C ALA A 203 13.29 15.95 18.24
N LEU A 204 13.07 14.95 17.40
CA LEU A 204 12.42 15.16 16.10
C LEU A 204 10.92 14.94 16.22
N PRO A 205 10.12 15.94 15.82
CA PRO A 205 8.67 15.74 15.93
C PRO A 205 8.03 15.05 14.73
N LEU A 206 7.14 14.10 15.01
CA LEU A 206 6.41 13.39 13.96
C LEU A 206 4.97 13.78 14.22
N ILE A 207 4.38 14.51 13.29
CA ILE A 207 3.02 14.95 13.44
C ILE A 207 2.01 14.15 12.61
N ASP A 208 1.08 13.53 13.33
CA ASP A 208 0.04 12.73 12.72
C ASP A 208 -1.16 13.64 12.44
N LEU A 209 -1.34 14.01 11.17
CA LEU A 209 -2.43 14.88 10.75
C LEU A 209 -3.47 14.10 9.92
N ALA A 210 -4.46 13.54 10.61
CA ALA A 210 -5.49 12.76 9.94
C ALA A 210 -6.86 13.40 9.89
N TYR A 211 -7.06 14.52 10.60
CA TYR A 211 -8.36 15.17 10.63
C TYR A 211 -8.40 16.65 10.29
N GLN A 212 -7.54 17.10 9.40
CA GLN A 212 -7.52 18.51 9.02
C GLN A 212 -8.84 18.90 8.39
N GLY A 213 -9.56 19.81 9.05
CA GLY A 213 -10.85 20.26 8.56
C GLY A 213 -12.02 19.82 9.42
N PHE A 214 -11.76 18.93 10.38
CA PHE A 214 -12.79 18.42 11.28
C PHE A 214 -12.88 19.12 12.63
N GLY A 215 -11.85 19.90 12.98
CA GLY A 215 -11.84 20.62 14.25
C GLY A 215 -12.45 22.01 14.16
N ASP A 216 -11.61 23.03 14.01
CA ASP A 216 -12.09 24.40 13.92
C ASP A 216 -12.04 24.94 12.49
N GLY A 217 -11.41 24.19 11.58
CA GLY A 217 -11.32 24.60 10.18
C GLY A 217 -10.08 24.05 9.51
N LEU A 218 -9.99 24.18 8.19
CA LEU A 218 -8.80 23.68 7.49
C LEU A 218 -7.56 24.39 7.97
N GLU A 219 -7.56 25.71 7.88
CA GLU A 219 -6.40 26.51 8.32
C GLU A 219 -6.18 26.38 9.82
N GLU A 220 -7.23 26.56 10.60
CA GLU A 220 -7.16 26.48 12.06
C GLU A 220 -6.53 25.19 12.58
N ASP A 221 -6.92 24.06 11.98
CA ASP A 221 -6.43 22.75 12.37
C ASP A 221 -4.96 22.52 11.98
N ALA A 222 -4.49 23.31 11.01
CA ALA A 222 -3.11 23.21 10.54
C ALA A 222 -2.18 24.15 11.32
N ALA A 223 -2.75 25.00 12.17
CA ALA A 223 -1.97 25.96 12.95
C ALA A 223 -0.82 25.36 13.75
N GLY A 224 -1.13 24.37 14.58
CA GLY A 224 -0.12 23.74 15.41
C GLY A 224 1.00 23.16 14.58
N THR A 225 0.64 22.58 13.44
CA THR A 225 1.60 21.97 12.53
C THR A 225 2.50 23.04 11.92
N ARG A 226 1.90 24.13 11.49
CA ARG A 226 2.63 25.23 10.88
C ARG A 226 3.56 25.92 11.87
N LEU A 227 3.12 26.06 13.12
CA LEU A 227 3.95 26.69 14.12
C LEU A 227 5.23 25.87 14.24
N ILE A 228 5.08 24.59 14.56
CA ILE A 228 6.21 23.67 14.70
C ILE A 228 7.11 23.70 13.46
N ALA A 229 6.49 23.67 12.29
CA ALA A 229 7.21 23.67 11.02
C ALA A 229 8.11 24.89 10.82
N SER A 230 7.68 26.03 11.32
CA SER A 230 8.48 27.24 11.16
C SER A 230 9.60 27.39 12.17
N ARG A 231 9.40 26.89 13.39
CA ARG A 231 10.41 27.00 14.42
C ARG A 231 11.40 25.84 14.48
N ILE A 232 10.96 24.66 14.05
CA ILE A 232 11.82 23.49 14.06
C ILE A 232 12.34 23.18 12.66
N PRO A 233 13.66 22.96 12.52
CA PRO A 233 14.27 22.67 11.21
C PRO A 233 13.93 21.30 10.57
N GLU A 234 13.73 20.27 11.39
CA GLU A 234 13.39 18.94 10.90
C GLU A 234 12.08 18.50 11.49
N VAL A 235 11.11 18.27 10.63
CA VAL A 235 9.77 17.84 11.05
C VAL A 235 9.29 16.77 10.07
N LEU A 236 8.63 15.75 10.61
CA LEU A 236 8.07 14.67 9.82
C LEU A 236 6.56 14.76 9.98
N ILE A 237 5.80 14.78 8.88
CA ILE A 237 4.34 14.88 8.96
C ILE A 237 3.68 13.76 8.15
N ALA A 238 2.76 13.04 8.78
CA ALA A 238 2.06 11.94 8.10
C ALA A 238 0.58 12.28 7.93
N ALA A 239 0.24 12.80 6.77
CA ALA A 239 -1.14 13.21 6.48
C ALA A 239 -2.03 12.10 5.96
N SER A 240 -3.33 12.29 6.13
CA SER A 240 -4.33 11.33 5.68
C SER A 240 -5.44 12.06 4.93
N CYS A 241 -5.93 11.43 3.88
CA CYS A 241 -7.01 11.97 3.07
C CYS A 241 -8.25 11.10 3.27
N SER A 242 -8.11 10.05 4.07
CA SER A 242 -9.19 9.11 4.35
C SER A 242 -10.46 9.78 4.84
N LYS A 243 -10.33 10.57 5.90
CA LYS A 243 -11.48 11.21 6.48
C LYS A 243 -11.91 12.55 5.86
N ASN A 244 -11.00 13.51 5.76
CA ASN A 244 -11.36 14.82 5.22
C ASN A 244 -11.72 14.86 3.74
N PHE A 245 -11.51 13.76 3.04
CA PHE A 245 -11.89 13.65 1.65
C PHE A 245 -12.89 12.50 1.51
N GLY A 246 -13.10 11.74 2.59
CA GLY A 246 -14.03 10.63 2.55
C GLY A 246 -13.68 9.48 1.62
N ILE A 247 -12.38 9.27 1.39
CA ILE A 247 -11.91 8.20 0.53
C ILE A 247 -11.12 7.14 1.32
N TYR A 248 -11.70 6.68 2.44
CA TYR A 248 -11.09 5.69 3.32
C TYR A 248 -10.46 4.47 2.61
N ARG A 249 -11.27 3.72 1.87
CA ARG A 249 -10.79 2.53 1.18
C ARG A 249 -9.83 2.80 0.03
N GLU A 250 -9.70 4.06 -0.37
CA GLU A 250 -8.78 4.36 -1.47
C GLU A 250 -7.34 4.33 -0.98
N ARG A 251 -7.14 4.52 0.31
CA ARG A 251 -5.80 4.50 0.92
C ARG A 251 -4.90 5.63 0.40
N THR A 252 -5.26 6.87 0.74
CA THR A 252 -4.52 8.05 0.29
C THR A 252 -3.90 8.89 1.41
N GLY A 253 -2.60 9.10 1.32
CA GLY A 253 -1.90 9.90 2.31
C GLY A 253 -0.51 10.28 1.82
N CYS A 254 0.29 10.92 2.68
CA CYS A 254 1.64 11.29 2.28
C CYS A 254 2.51 11.67 3.46
N LEU A 255 3.82 11.46 3.28
CA LEU A 255 4.81 11.76 4.30
C LEU A 255 5.58 12.98 3.82
N LEU A 256 5.62 14.01 4.66
CA LEU A 256 6.37 15.22 4.36
C LEU A 256 7.57 15.26 5.30
N ALA A 257 8.76 15.37 4.72
CA ALA A 257 9.98 15.47 5.52
C ALA A 257 10.57 16.89 5.36
N LEU A 258 10.37 17.71 6.37
CA LEU A 258 10.89 19.09 6.39
C LEU A 258 12.36 19.03 6.84
N CYS A 259 13.26 19.45 5.96
CA CYS A 259 14.69 19.40 6.22
C CYS A 259 15.34 20.75 6.46
N ALA A 260 16.55 20.72 7.02
CA ALA A 260 17.32 21.93 7.32
C ALA A 260 17.98 22.58 6.11
N ASP A 261 18.12 21.84 5.01
CA ASP A 261 18.72 22.34 3.78
C ASP A 261 18.51 21.38 2.61
N ALA A 262 18.65 21.91 1.40
CA ALA A 262 18.46 21.14 0.17
C ALA A 262 19.22 19.82 0.07
N ALA A 263 20.52 19.85 0.37
CA ALA A 263 21.35 18.65 0.30
C ALA A 263 20.71 17.53 1.13
N THR A 264 20.15 17.90 2.28
CA THR A 264 19.48 16.95 3.15
C THR A 264 18.14 16.52 2.54
N ARG A 265 17.46 17.43 1.85
CA ARG A 265 16.18 17.11 1.23
C ARG A 265 16.41 16.06 0.16
N GLU A 266 17.53 16.18 -0.55
CA GLU A 266 17.86 15.22 -1.61
C GLU A 266 18.13 13.85 -1.02
N LEU A 267 18.67 13.86 0.21
CA LEU A 267 18.97 12.64 0.93
C LEU A 267 17.65 11.96 1.37
N ALA A 268 16.79 12.73 2.02
CA ALA A 268 15.52 12.23 2.51
C ALA A 268 14.58 11.77 1.39
N GLN A 269 14.50 12.57 0.34
CA GLN A 269 13.63 12.25 -0.78
C GLN A 269 14.10 10.94 -1.42
N GLY A 270 15.40 10.77 -1.53
CA GLY A 270 15.93 9.56 -2.12
C GLY A 270 15.58 8.38 -1.25
N ALA A 271 15.79 8.52 0.05
CA ALA A 271 15.52 7.46 1.01
C ALA A 271 14.04 7.09 1.09
N MET A 272 13.17 8.09 0.86
CA MET A 272 11.73 7.85 0.90
C MET A 272 11.29 7.04 -0.32
N ALA A 273 11.78 7.44 -1.50
CA ALA A 273 11.45 6.75 -2.74
C ALA A 273 11.93 5.31 -2.61
N PHE A 274 13.07 5.12 -1.95
CA PHE A 274 13.66 3.81 -1.71
C PHE A 274 12.76 2.96 -0.83
N LEU A 275 12.14 3.61 0.16
CA LEU A 275 11.24 2.92 1.09
C LEU A 275 9.95 2.45 0.40
N ASN A 276 9.45 3.24 -0.55
CA ASN A 276 8.27 2.83 -1.29
C ASN A 276 8.69 1.62 -2.14
N ARG A 277 9.74 1.82 -2.92
CA ARG A 277 10.31 0.80 -3.79
C ARG A 277 10.53 -0.56 -3.13
N GLN A 278 11.06 -0.56 -1.90
CA GLN A 278 11.33 -1.81 -1.17
C GLN A 278 10.13 -2.39 -0.44
N THR A 279 9.02 -1.68 -0.42
CA THR A 279 7.86 -2.16 0.27
C THR A 279 6.76 -2.66 -0.67
N TYR A 280 6.45 -1.87 -1.69
CA TYR A 280 5.40 -2.23 -2.63
C TYR A 280 5.58 -1.51 -3.95
N SER A 281 6.75 -0.93 -4.13
CA SER A 281 7.04 -0.22 -5.35
C SER A 281 6.17 1.05 -5.47
N PHE A 282 5.44 1.19 -6.56
CA PHE A 282 4.60 2.37 -6.76
C PHE A 282 3.43 2.49 -5.80
N PRO A 283 3.09 3.73 -5.37
CA PRO A 283 1.96 3.89 -4.45
C PRO A 283 0.64 3.93 -5.24
N PRO A 284 -0.49 3.73 -4.57
CA PRO A 284 -1.80 3.74 -5.24
C PRO A 284 -2.24 5.09 -5.78
N PHE A 285 -2.46 5.11 -7.09
CA PHE A 285 -2.85 6.30 -7.83
C PHE A 285 -4.25 6.88 -7.68
N HIS A 286 -5.28 6.05 -7.83
CA HIS A 286 -6.66 6.53 -7.79
C HIS A 286 -7.08 7.60 -6.78
N GLY A 287 -6.85 7.33 -5.49
CA GLY A 287 -7.22 8.26 -4.44
C GLY A 287 -6.41 9.55 -4.49
N ALA A 288 -5.09 9.43 -4.64
CA ALA A 288 -4.21 10.58 -4.71
C ALA A 288 -4.56 11.48 -5.89
N LYS A 289 -5.04 10.89 -6.97
CA LYS A 289 -5.40 11.67 -8.13
C LYS A 289 -6.77 12.31 -7.94
N ILE A 290 -7.58 11.76 -7.05
CA ILE A 290 -8.90 12.36 -6.81
C ILE A 290 -8.63 13.64 -6.01
N VAL A 291 -7.69 13.51 -5.07
CA VAL A 291 -7.32 14.62 -4.21
C VAL A 291 -6.69 15.79 -4.97
N SER A 292 -5.69 15.51 -5.79
CA SER A 292 -5.05 16.56 -6.56
C SER A 292 -5.98 17.19 -7.59
N THR A 293 -7.13 16.57 -7.82
CA THR A 293 -8.12 17.09 -8.77
C THR A 293 -9.03 18.10 -8.06
N VAL A 294 -9.52 17.73 -6.88
CA VAL A 294 -10.40 18.60 -6.11
C VAL A 294 -9.64 19.88 -5.75
N LEU A 295 -8.40 19.70 -5.32
CA LEU A 295 -7.53 20.78 -4.90
C LEU A 295 -7.03 21.74 -5.98
N THR A 296 -6.87 21.25 -7.20
CA THR A 296 -6.40 22.11 -8.29
C THR A 296 -7.55 22.71 -9.09
N THR A 297 -8.69 22.02 -9.11
CA THR A 297 -9.87 22.50 -9.82
C THR A 297 -10.72 23.34 -8.88
N PRO A 298 -10.62 24.68 -9.01
CA PRO A 298 -11.32 25.67 -8.21
C PRO A 298 -12.77 25.32 -7.88
N GLU A 299 -13.54 24.97 -8.91
CA GLU A 299 -14.95 24.62 -8.74
C GLU A 299 -15.12 23.50 -7.71
N LEU A 300 -14.30 22.46 -7.84
CA LEU A 300 -14.36 21.30 -6.96
C LEU A 300 -13.79 21.60 -5.57
N ARG A 301 -12.68 22.33 -5.51
CA ARG A 301 -12.06 22.68 -4.23
C ARG A 301 -13.09 23.44 -3.40
N ALA A 302 -13.86 24.27 -4.09
CA ALA A 302 -14.90 25.06 -3.46
C ALA A 302 -15.96 24.19 -2.85
N ASP A 303 -16.53 23.29 -3.63
CA ASP A 303 -17.59 22.40 -3.16
C ASP A 303 -17.12 21.41 -2.08
N TRP A 304 -15.85 21.07 -2.12
CA TRP A 304 -15.28 20.18 -1.13
C TRP A 304 -15.17 20.87 0.22
N MET A 305 -14.63 22.09 0.22
CA MET A 305 -14.47 22.86 1.47
C MET A 305 -15.84 23.15 2.08
N ALA A 306 -16.81 23.39 1.22
CA ALA A 306 -18.17 23.66 1.67
C ALA A 306 -18.74 22.43 2.37
N GLU A 307 -18.58 21.27 1.73
CA GLU A 307 -19.10 20.02 2.30
C GLU A 307 -18.40 19.70 3.61
N LEU A 308 -17.07 19.83 3.65
CA LEU A 308 -16.29 19.56 4.85
C LEU A 308 -16.74 20.48 5.99
N GLU A 309 -16.93 21.77 5.68
CA GLU A 309 -17.37 22.73 6.68
C GLU A 309 -18.74 22.39 7.24
N ALA A 310 -19.66 22.01 6.36
CA ALA A 310 -21.01 21.61 6.76
C ALA A 310 -20.93 20.47 7.77
N VAL A 311 -20.05 19.52 7.50
CA VAL A 311 -19.83 18.36 8.38
C VAL A 311 -19.26 18.82 9.71
N ARG A 312 -18.31 19.75 9.65
CA ARG A 312 -17.65 20.31 10.83
C ARG A 312 -18.67 21.04 11.72
N SER A 313 -19.43 21.96 11.12
CA SER A 313 -20.46 22.71 11.82
C SER A 313 -21.48 21.73 12.42
N GLY A 314 -21.81 20.72 11.63
CA GLY A 314 -22.76 19.70 12.04
C GLY A 314 -22.34 18.94 13.28
N MET A 315 -21.13 18.41 13.30
CA MET A 315 -20.65 17.68 14.47
C MET A 315 -20.53 18.60 15.66
N LEU A 316 -20.09 19.83 15.41
CA LEU A 316 -19.92 20.82 16.46
C LEU A 316 -21.27 21.15 17.16
N ARG A 317 -22.32 21.30 16.37
CA ARG A 317 -23.64 21.58 16.93
C ARG A 317 -24.11 20.40 17.78
N LEU A 318 -23.76 19.19 17.34
CA LEU A 318 -24.11 17.96 18.05
C LEU A 318 -23.48 17.99 19.44
N ARG A 319 -22.23 18.45 19.51
CA ARG A 319 -21.51 18.57 20.78
C ARG A 319 -22.21 19.54 21.71
N GLU A 320 -22.55 20.70 21.17
CA GLU A 320 -23.25 21.73 21.94
C GLU A 320 -24.54 21.15 22.48
N GLN A 321 -25.23 20.42 21.63
CA GLN A 321 -26.50 19.79 21.97
C GLN A 321 -26.35 18.75 23.08
N LEU A 322 -25.41 17.83 22.91
CA LEU A 322 -25.16 16.81 23.91
C LEU A 322 -24.81 17.44 25.25
N ALA A 323 -23.88 18.40 25.23
CA ALA A 323 -23.46 19.09 26.45
C ALA A 323 -24.61 19.89 27.06
N GLY A 324 -25.48 20.44 26.21
CA GLY A 324 -26.61 21.20 26.71
C GLY A 324 -27.53 20.26 27.46
N GLU A 325 -27.78 19.12 26.85
CA GLU A 325 -28.64 18.09 27.44
C GLU A 325 -28.03 17.66 28.77
N LEU A 326 -26.74 17.39 28.76
CA LEU A 326 -26.03 16.97 29.96
C LEU A 326 -26.10 18.01 31.06
N ARG A 327 -26.11 19.28 30.67
CA ARG A 327 -26.17 20.39 31.62
C ARG A 327 -27.50 20.36 32.37
N ASP A 328 -28.59 20.32 31.60
CA ASP A 328 -29.94 20.27 32.18
C ASP A 328 -30.16 19.03 33.04
N LEU A 329 -29.52 17.93 32.66
CA LEU A 329 -29.65 16.68 33.39
C LEU A 329 -28.85 16.60 34.68
N SER A 330 -27.66 17.19 34.70
CA SER A 330 -26.81 17.13 35.89
C SER A 330 -26.92 18.32 36.84
N GLY A 331 -27.44 19.43 36.34
CA GLY A 331 -27.56 20.62 37.17
C GLY A 331 -26.20 21.24 37.41
N SER A 332 -25.20 20.78 36.64
CA SER A 332 -23.84 21.28 36.75
C SER A 332 -23.25 21.38 35.35
N ASP A 333 -22.06 21.96 35.26
CA ASP A 333 -21.38 22.09 33.97
C ASP A 333 -20.20 21.13 33.87
N ARG A 334 -20.31 20.01 34.60
CA ARG A 334 -19.28 18.98 34.62
C ARG A 334 -18.90 18.44 33.24
N PHE A 335 -19.91 18.23 32.41
CA PHE A 335 -19.70 17.69 31.07
C PHE A 335 -19.42 18.72 29.99
N GLY A 336 -19.11 19.94 30.40
CA GLY A 336 -18.83 21.00 29.43
C GLY A 336 -17.72 20.68 28.46
N PHE A 337 -16.81 19.81 28.89
CA PHE A 337 -15.67 19.43 28.06
C PHE A 337 -16.12 18.93 26.69
N VAL A 338 -17.29 18.29 26.63
CA VAL A 338 -17.80 17.77 25.35
C VAL A 338 -17.97 18.88 24.31
N ALA A 339 -18.25 20.09 24.77
CA ALA A 339 -18.44 21.23 23.89
C ALA A 339 -17.10 21.87 23.54
N GLU A 340 -16.08 21.53 24.31
CA GLU A 340 -14.75 22.06 24.10
C GLU A 340 -13.84 21.10 23.33
N HIS A 341 -14.16 19.81 23.35
CA HIS A 341 -13.39 18.83 22.60
C HIS A 341 -13.53 19.10 21.11
N ARG A 342 -12.53 18.70 20.32
CA ARG A 342 -12.60 18.90 18.89
C ARG A 342 -12.19 17.62 18.21
N GLY A 343 -12.87 17.32 17.11
CA GLY A 343 -12.61 16.10 16.36
C GLY A 343 -13.91 15.33 16.38
N MET A 344 -13.93 14.13 15.83
CA MET A 344 -15.18 13.37 15.87
C MET A 344 -15.24 12.45 17.08
N PHE A 345 -14.15 12.38 17.83
CA PHE A 345 -14.10 11.52 19.00
C PHE A 345 -14.07 12.27 20.32
N SER A 346 -14.40 11.56 21.39
CA SER A 346 -14.41 12.15 22.72
C SER A 346 -14.41 11.04 23.75
N ARG A 347 -13.48 11.10 24.68
CA ARG A 347 -13.44 10.13 25.76
C ARG A 347 -14.25 10.72 26.88
N LEU A 348 -15.32 10.03 27.30
CA LEU A 348 -16.18 10.51 28.37
C LEU A 348 -15.55 10.45 29.75
N GLY A 349 -14.57 9.58 29.92
CA GLY A 349 -13.94 9.45 31.21
C GLY A 349 -14.65 8.40 32.05
N ALA A 350 -15.39 7.51 31.39
CA ALA A 350 -16.11 6.42 32.08
C ALA A 350 -15.17 5.23 32.22
N THR A 351 -15.24 4.53 33.35
CA THR A 351 -14.40 3.37 33.55
C THR A 351 -14.92 2.21 32.70
N PRO A 352 -14.09 1.18 32.46
CA PRO A 352 -14.56 0.06 31.66
C PRO A 352 -15.87 -0.52 32.23
N GLU A 353 -15.93 -0.57 33.56
CA GLU A 353 -17.10 -1.09 34.25
C GLU A 353 -18.35 -0.24 34.00
N GLN A 354 -18.20 1.09 33.94
CA GLN A 354 -19.33 1.98 33.68
C GLN A 354 -19.75 1.82 32.22
N VAL A 355 -18.77 1.57 31.37
CA VAL A 355 -19.01 1.37 29.95
C VAL A 355 -19.87 0.11 29.76
N LYS A 356 -19.57 -0.94 30.51
CA LYS A 356 -20.33 -2.18 30.42
C LYS A 356 -21.77 -1.98 30.87
N ARG A 357 -21.96 -1.26 31.98
CA ARG A 357 -23.30 -0.98 32.52
C ARG A 357 -24.15 -0.24 31.52
N ILE A 358 -23.55 0.72 30.81
CA ILE A 358 -24.28 1.50 29.81
C ILE A 358 -24.80 0.56 28.73
N LYS A 359 -23.94 -0.30 28.22
CA LYS A 359 -24.29 -1.25 27.18
C LYS A 359 -25.47 -2.13 27.61
N GLU A 360 -25.30 -2.81 28.73
CA GLU A 360 -26.33 -3.70 29.27
C GLU A 360 -27.64 -3.02 29.66
N GLU A 361 -27.55 -1.88 30.32
CA GLU A 361 -28.76 -1.16 30.75
C GLU A 361 -29.37 -0.25 29.70
N PHE A 362 -28.53 0.36 28.87
CA PHE A 362 -29.05 1.29 27.88
C PHE A 362 -28.90 0.91 26.43
N GLY A 363 -28.23 -0.21 26.16
CA GLY A 363 -28.07 -0.66 24.79
C GLY A 363 -27.16 0.19 23.93
N ILE A 364 -26.43 1.09 24.58
CA ILE A 364 -25.50 1.96 23.88
C ILE A 364 -24.12 1.33 23.92
N TYR A 365 -23.50 1.21 22.75
CA TYR A 365 -22.17 0.63 22.63
C TYR A 365 -21.16 1.71 22.32
N MET A 366 -19.97 1.56 22.86
CA MET A 366 -18.88 2.51 22.64
C MET A 366 -17.58 1.74 22.86
N VAL A 367 -16.45 2.33 22.50
CA VAL A 367 -15.17 1.67 22.71
C VAL A 367 -14.99 1.52 24.22
N GLY A 368 -14.23 0.49 24.61
CA GLY A 368 -14.02 0.21 26.02
C GLY A 368 -13.29 1.25 26.85
N ASP A 369 -12.72 2.27 26.20
CA ASP A 369 -12.01 3.33 26.91
C ASP A 369 -12.92 4.57 27.01
N SER A 370 -14.21 4.33 26.78
CA SER A 370 -15.27 5.33 26.80
C SER A 370 -15.22 6.36 25.68
N ARG A 371 -14.61 5.97 24.56
CA ARG A 371 -14.53 6.85 23.39
C ARG A 371 -15.82 6.73 22.60
N ILE A 372 -16.46 7.87 22.35
CA ILE A 372 -17.69 7.86 21.58
C ILE A 372 -17.43 8.58 20.28
N ASN A 373 -18.29 8.34 19.30
CA ASN A 373 -18.18 8.98 18.00
C ASN A 373 -19.33 9.97 17.90
N ILE A 374 -18.99 11.25 17.88
CA ILE A 374 -19.97 12.32 17.81
C ILE A 374 -20.92 12.15 16.63
N ALA A 375 -20.40 11.70 15.50
CA ALA A 375 -21.22 11.50 14.29
C ALA A 375 -22.36 10.50 14.50
N GLY A 376 -22.22 9.64 15.50
CA GLY A 376 -23.26 8.65 15.78
C GLY A 376 -24.46 9.21 16.51
N LEU A 377 -24.35 10.43 17.02
CA LEU A 377 -25.45 11.05 17.74
C LEU A 377 -26.41 11.73 16.78
N ASN A 378 -27.57 12.10 17.30
CA ASN A 378 -28.64 12.80 16.58
C ASN A 378 -29.66 13.19 17.63
N ASP A 379 -30.69 13.93 17.23
CA ASP A 379 -31.73 14.39 18.15
C ASP A 379 -32.46 13.32 18.95
N ASN A 380 -32.44 12.09 18.47
CA ASN A 380 -33.11 11.00 19.16
C ASN A 380 -32.18 10.25 20.09
N THR A 381 -30.95 10.08 19.64
CA THR A 381 -29.93 9.37 20.41
C THR A 381 -29.32 10.12 21.59
N ILE A 382 -29.14 11.43 21.43
CA ILE A 382 -28.57 12.31 22.46
C ILE A 382 -29.26 12.25 23.83
N PRO A 383 -30.60 12.34 23.88
CA PRO A 383 -31.32 12.28 25.16
C PRO A 383 -31.04 10.98 25.91
N ILE A 384 -30.92 9.90 25.16
CA ILE A 384 -30.65 8.59 25.74
C ILE A 384 -29.22 8.48 26.24
N LEU A 385 -28.25 8.91 25.43
CA LEU A 385 -26.85 8.88 25.83
C LEU A 385 -26.67 9.73 27.09
N ALA A 386 -27.22 10.94 27.06
CA ALA A 386 -27.14 11.87 28.18
C ALA A 386 -27.66 11.23 29.46
N ARG A 387 -28.85 10.66 29.40
CA ARG A 387 -29.42 10.01 30.56
C ARG A 387 -28.59 8.83 31.05
N ALA A 388 -28.09 8.02 30.11
CA ALA A 388 -27.27 6.87 30.45
C ALA A 388 -26.07 7.28 31.28
N ILE A 389 -25.34 8.27 30.78
CA ILE A 389 -24.15 8.80 31.44
C ILE A 389 -24.45 9.17 32.89
N ILE A 390 -25.49 9.98 33.10
CA ILE A 390 -25.87 10.40 34.44
C ILE A 390 -26.28 9.17 35.26
N GLU A 391 -27.17 8.36 34.71
CA GLU A 391 -27.69 7.18 35.38
C GLU A 391 -26.66 6.19 35.90
N VAL A 392 -25.58 5.98 35.13
CA VAL A 392 -24.54 5.06 35.54
C VAL A 392 -23.51 5.75 36.45
N GLY A 393 -23.82 6.98 36.82
CA GLY A 393 -22.97 7.73 37.71
C GLY A 393 -21.59 8.12 37.21
N VAL A 394 -21.52 8.51 35.94
CA VAL A 394 -20.24 8.93 35.37
C VAL A 394 -20.10 10.39 35.82
N MET B 1 18.95 14.94 12.29
CA MET B 1 18.97 13.46 12.19
C MET B 1 19.00 13.00 10.75
N LEU B 2 18.05 13.49 9.94
CA LEU B 2 17.94 13.14 8.53
C LEU B 2 19.21 13.33 7.71
N GLY B 3 20.20 14.03 8.28
CA GLY B 3 21.44 14.25 7.57
C GLY B 3 22.34 13.03 7.58
N ASN B 4 21.98 12.05 8.39
CA ASN B 4 22.75 10.82 8.48
C ASN B 4 22.32 9.83 7.42
N LEU B 5 21.25 10.15 6.69
CA LEU B 5 20.72 9.29 5.64
C LEU B 5 21.76 9.04 4.54
N LYS B 6 22.16 7.79 4.38
CA LYS B 6 23.13 7.45 3.35
C LYS B 6 22.40 7.45 2.02
N PRO B 7 23.09 7.82 0.93
CA PRO B 7 22.42 7.83 -0.38
C PRO B 7 22.15 6.41 -0.83
N GLN B 8 20.93 6.15 -1.31
CA GLN B 8 20.56 4.82 -1.75
C GLN B 8 20.65 4.62 -3.27
N ALA B 9 21.11 3.43 -3.65
CA ALA B 9 21.28 3.05 -5.06
C ALA B 9 19.99 3.05 -5.87
N PRO B 10 20.01 3.65 -7.07
CA PRO B 10 18.83 3.72 -7.95
C PRO B 10 18.48 2.39 -8.62
N ASP B 11 17.22 2.25 -9.00
CA ASP B 11 16.74 1.05 -9.66
C ASP B 11 17.09 1.19 -11.14
N LYS B 12 17.74 0.18 -11.71
CA LYS B 12 18.15 0.20 -13.10
C LYS B 12 17.07 0.57 -14.10
N ILE B 13 15.98 -0.18 -14.11
CA ILE B 13 14.87 0.05 -15.02
C ILE B 13 14.26 1.45 -14.89
N LEU B 14 14.05 1.89 -13.66
CA LEU B 14 13.49 3.23 -13.44
C LEU B 14 14.48 4.27 -13.94
N ALA B 15 15.76 4.00 -13.74
CA ALA B 15 16.82 4.92 -14.19
C ALA B 15 16.88 4.92 -15.72
N LEU B 16 16.64 3.75 -16.32
CA LEU B 16 16.64 3.60 -17.77
C LEU B 16 15.52 4.51 -18.28
N MET B 17 14.41 4.52 -17.56
CA MET B 17 13.27 5.37 -17.90
C MET B 17 13.71 6.83 -17.85
N GLY B 18 14.67 7.11 -16.98
CA GLY B 18 15.20 8.47 -16.84
C GLY B 18 15.98 8.86 -18.08
N GLU B 19 16.89 7.99 -18.52
CA GLU B 19 17.70 8.23 -19.71
C GLU B 19 16.87 8.27 -20.99
N PHE B 20 15.56 8.13 -20.86
CA PHE B 20 14.66 8.17 -22.01
C PHE B 20 13.76 9.40 -21.87
N GLY B 27 13.65 9.79 -32.68
CA GLY B 27 14.11 8.49 -33.13
C GLY B 27 14.47 7.59 -31.97
N LYS B 28 13.82 7.84 -30.83
CA LYS B 28 14.06 7.06 -29.62
C LYS B 28 13.26 5.76 -29.65
N ILE B 29 13.89 4.68 -29.20
CA ILE B 29 13.23 3.37 -29.16
C ILE B 29 13.18 2.86 -27.72
N ASP B 30 12.01 2.90 -27.11
CA ASP B 30 11.83 2.45 -25.73
C ASP B 30 11.59 0.94 -25.65
N LEU B 31 12.62 0.20 -25.26
CA LEU B 31 12.54 -1.26 -25.11
C LEU B 31 12.91 -1.65 -23.69
N GLY B 32 12.71 -0.73 -22.74
CA GLY B 32 13.07 -0.99 -21.37
C GLY B 32 11.99 -1.56 -20.44
N VAL B 33 11.36 -0.67 -19.67
CA VAL B 33 10.35 -1.06 -18.69
C VAL B 33 9.32 -2.05 -19.24
N GLY B 34 8.98 -3.02 -18.40
CA GLY B 34 8.05 -4.07 -18.78
C GLY B 34 6.57 -3.76 -18.79
N VAL B 35 6.13 -3.03 -19.80
CA VAL B 35 4.73 -2.69 -19.94
C VAL B 35 4.36 -3.03 -21.38
N TYR B 36 3.10 -3.34 -21.61
CA TYR B 36 2.65 -3.64 -22.96
C TYR B 36 2.40 -2.32 -23.69
N LYS B 37 2.78 -2.27 -24.96
CA LYS B 37 2.57 -1.07 -25.76
C LYS B 37 1.96 -1.49 -27.10
N ASP B 38 1.08 -0.64 -27.65
CA ASP B 38 0.46 -0.95 -28.93
C ASP B 38 1.25 -0.38 -30.11
N ALA B 39 0.80 -0.69 -31.32
CA ALA B 39 1.44 -0.24 -32.56
C ALA B 39 1.88 1.23 -32.54
N THR B 40 1.18 2.05 -31.77
CA THR B 40 1.50 3.48 -31.67
C THR B 40 2.14 3.84 -30.33
N GLY B 41 2.97 2.93 -29.82
CA GLY B 41 3.66 3.15 -28.55
C GLY B 41 2.83 3.59 -27.35
N HIS B 42 1.63 3.04 -27.21
CA HIS B 42 0.78 3.41 -26.07
C HIS B 42 0.40 2.20 -25.23
N THR B 43 0.25 2.43 -23.93
CA THR B 43 -0.16 1.40 -22.99
C THR B 43 -1.61 1.76 -22.67
N PRO B 44 -2.54 1.32 -23.54
CA PRO B 44 -3.97 1.60 -23.38
C PRO B 44 -4.62 0.99 -22.14
N ILE B 45 -5.87 1.35 -21.93
CA ILE B 45 -6.66 0.82 -20.81
C ILE B 45 -7.54 -0.23 -21.49
N MET B 46 -7.67 -1.39 -20.87
CA MET B 46 -8.48 -2.45 -21.44
C MET B 46 -9.96 -2.12 -21.45
N ARG B 47 -10.66 -2.58 -22.48
CA ARG B 47 -12.08 -2.33 -22.64
C ARG B 47 -12.89 -2.71 -21.41
N ALA B 48 -12.65 -3.91 -20.89
CA ALA B 48 -13.36 -4.39 -19.71
C ALA B 48 -13.02 -3.52 -18.50
N VAL B 49 -11.74 -3.20 -18.33
CA VAL B 49 -11.31 -2.38 -17.20
C VAL B 49 -12.03 -1.04 -17.20
N HIS B 50 -12.12 -0.39 -18.36
CA HIS B 50 -12.79 0.89 -18.47
C HIS B 50 -14.28 0.77 -18.10
N ALA B 51 -14.92 -0.25 -18.68
CA ALA B 51 -16.34 -0.53 -18.44
C ALA B 51 -16.58 -0.87 -16.98
N ALA B 52 -15.61 -1.52 -16.35
CA ALA B 52 -15.73 -1.88 -14.94
C ALA B 52 -15.77 -0.58 -14.15
N GLU B 53 -14.80 0.29 -14.44
CA GLU B 53 -14.70 1.59 -13.79
C GLU B 53 -15.94 2.44 -13.95
N GLN B 54 -16.55 2.38 -15.14
CA GLN B 54 -17.76 3.14 -15.42
C GLN B 54 -18.90 2.58 -14.58
N ARG B 55 -18.95 1.25 -14.48
CA ARG B 55 -19.98 0.58 -13.71
C ARG B 55 -19.79 0.84 -12.23
N MET B 56 -18.54 0.92 -11.80
CA MET B 56 -18.22 1.20 -10.41
C MET B 56 -18.68 2.60 -10.02
N LEU B 57 -18.51 3.52 -10.96
CA LEU B 57 -18.90 4.91 -10.75
C LEU B 57 -20.38 5.03 -10.40
N GLU B 58 -21.18 4.09 -10.90
CA GLU B 58 -22.63 4.10 -10.64
C GLU B 58 -23.08 3.21 -9.51
N THR B 59 -22.35 2.15 -9.23
CA THR B 59 -22.77 1.25 -8.19
C THR B 59 -22.39 1.61 -6.77
N GLU B 60 -21.16 2.10 -6.60
CA GLU B 60 -20.63 2.45 -5.29
C GLU B 60 -21.33 3.65 -4.62
N THR B 61 -21.70 3.48 -3.37
CA THR B 61 -22.35 4.54 -2.61
C THR B 61 -21.53 4.99 -1.40
N THR B 62 -20.44 4.31 -1.11
CA THR B 62 -19.59 4.65 0.02
C THR B 62 -18.14 4.27 -0.25
N LYS B 63 -17.24 4.77 0.58
CA LYS B 63 -15.82 4.47 0.46
C LYS B 63 -15.24 4.21 1.84
N THR B 64 -16.11 3.82 2.77
CA THR B 64 -15.70 3.50 4.14
C THR B 64 -14.65 2.41 4.11
N TYR B 65 -14.02 2.18 5.27
CA TYR B 65 -13.01 1.15 5.39
C TYR B 65 -13.67 -0.17 5.08
N ALA B 66 -13.08 -0.93 4.17
CA ALA B 66 -13.61 -2.24 3.77
C ALA B 66 -12.85 -3.41 4.43
N GLY B 67 -12.30 -4.31 3.62
CA GLY B 67 -11.61 -5.47 4.16
C GLY B 67 -10.12 -5.32 4.38
N LEU B 68 -9.66 -5.77 5.54
CA LEU B 68 -8.25 -5.69 5.91
C LEU B 68 -7.36 -6.61 5.06
N SER B 69 -7.94 -7.68 4.54
CA SER B 69 -7.20 -8.64 3.72
C SER B 69 -7.70 -8.65 2.29
N GLY B 70 -8.48 -7.62 1.94
CA GLY B 70 -9.04 -7.52 0.61
C GLY B 70 -10.51 -7.92 0.70
N GLU B 71 -11.21 -7.85 -0.41
CA GLU B 71 -12.62 -8.21 -0.44
C GLU B 71 -12.76 -9.66 -0.82
N PRO B 72 -13.82 -10.31 -0.31
CA PRO B 72 -14.12 -11.72 -0.57
C PRO B 72 -14.12 -12.00 -2.07
N GLU B 73 -14.83 -11.18 -2.83
CA GLU B 73 -14.91 -11.33 -4.28
C GLU B 73 -13.54 -11.29 -4.94
N PHE B 74 -12.64 -10.45 -4.44
CA PHE B 74 -11.32 -10.35 -5.03
C PHE B 74 -10.51 -11.59 -4.70
N GLN B 75 -10.57 -11.99 -3.45
CA GLN B 75 -9.86 -13.15 -2.94
C GLN B 75 -10.28 -14.43 -3.70
N LYS B 76 -11.59 -14.64 -3.84
CA LYS B 76 -12.12 -15.81 -4.54
C LYS B 76 -11.82 -15.80 -6.04
N ALA B 77 -12.15 -14.69 -6.71
CA ALA B 77 -11.91 -14.59 -8.15
C ALA B 77 -10.45 -14.74 -8.51
N MET B 78 -9.56 -14.22 -7.67
CA MET B 78 -8.14 -14.33 -7.93
C MET B 78 -7.65 -15.77 -7.75
N GLY B 79 -8.15 -16.44 -6.71
CA GLY B 79 -7.74 -17.81 -6.46
C GLY B 79 -8.15 -18.74 -7.60
N GLU B 80 -9.36 -18.53 -8.11
CA GLU B 80 -9.85 -19.34 -9.21
C GLU B 80 -9.05 -19.10 -10.48
N LEU B 81 -8.76 -17.83 -10.77
CA LEU B 81 -7.99 -17.48 -11.95
C LEU B 81 -6.62 -18.14 -11.91
N ILE B 82 -6.04 -18.19 -10.72
CA ILE B 82 -4.71 -18.76 -10.56
C ILE B 82 -4.69 -20.29 -10.49
N LEU B 83 -5.37 -20.84 -9.49
CA LEU B 83 -5.38 -22.29 -9.30
C LEU B 83 -6.50 -23.06 -9.99
N GLY B 84 -7.40 -22.37 -10.65
CA GLY B 84 -8.49 -23.05 -11.32
C GLY B 84 -9.24 -23.94 -10.36
N ASP B 85 -9.46 -25.19 -10.75
CA ASP B 85 -10.18 -26.12 -9.90
C ASP B 85 -9.35 -26.74 -8.80
N GLY B 86 -8.11 -26.27 -8.69
CA GLY B 86 -7.21 -26.74 -7.66
C GLY B 86 -7.37 -25.87 -6.42
N LEU B 87 -8.27 -24.90 -6.48
CA LEU B 87 -8.51 -24.01 -5.35
C LEU B 87 -9.30 -24.71 -4.27
N LYS B 88 -8.66 -24.88 -3.12
CA LYS B 88 -9.25 -25.52 -1.95
C LYS B 88 -9.38 -24.46 -0.87
N SER B 89 -10.45 -23.67 -0.95
CA SER B 89 -10.72 -22.59 -0.01
C SER B 89 -10.33 -22.88 1.45
N GLU B 90 -10.83 -23.99 1.99
CA GLU B 90 -10.57 -24.36 3.38
C GLU B 90 -9.10 -24.44 3.78
N THR B 91 -8.22 -24.63 2.80
CA THR B 91 -6.80 -24.72 3.11
C THR B 91 -6.01 -23.56 2.50
N THR B 92 -6.71 -22.62 1.86
CA THR B 92 -6.08 -21.48 1.21
C THR B 92 -6.34 -20.15 1.89
N ALA B 93 -5.26 -19.40 2.15
CA ALA B 93 -5.34 -18.08 2.76
C ALA B 93 -5.05 -17.06 1.66
N THR B 94 -5.77 -15.95 1.67
CA THR B 94 -5.61 -14.92 0.64
C THR B 94 -5.47 -13.52 1.26
N LEU B 95 -4.55 -12.72 0.73
CA LEU B 95 -4.33 -11.36 1.22
C LEU B 95 -4.17 -10.41 0.04
N ALA B 96 -5.05 -9.42 -0.07
CA ALA B 96 -4.95 -8.43 -1.13
C ALA B 96 -3.79 -7.49 -0.74
N THR B 97 -2.93 -7.17 -1.71
CA THR B 97 -1.76 -6.36 -1.44
C THR B 97 -1.61 -5.21 -2.43
N VAL B 98 -0.53 -4.43 -2.28
CA VAL B 98 -0.22 -3.30 -3.16
C VAL B 98 0.63 -3.82 -4.33
N GLY B 99 -0.05 -4.38 -5.32
CA GLY B 99 0.61 -4.92 -6.49
C GLY B 99 1.34 -6.23 -6.20
N GLY B 100 2.01 -6.76 -7.20
CA GLY B 100 2.74 -8.00 -7.01
C GLY B 100 3.90 -7.83 -6.08
N THR B 101 4.58 -6.69 -6.20
CA THR B 101 5.73 -6.38 -5.36
C THR B 101 5.30 -6.38 -3.89
N GLY B 102 4.14 -5.79 -3.61
CA GLY B 102 3.64 -5.78 -2.26
C GLY B 102 3.41 -7.21 -1.78
N ALA B 103 2.94 -8.06 -2.70
CA ALA B 103 2.68 -9.46 -2.42
C ALA B 103 3.97 -10.22 -2.14
N LEU B 104 5.02 -9.88 -2.87
CA LEU B 104 6.33 -10.51 -2.68
C LEU B 104 6.88 -10.16 -1.30
N ARG B 105 6.85 -8.87 -0.98
CA ARG B 105 7.33 -8.38 0.31
C ARG B 105 6.55 -9.01 1.45
N GLN B 106 5.24 -9.05 1.30
CA GLN B 106 4.40 -9.65 2.34
C GLN B 106 4.69 -11.15 2.46
N ALA B 107 5.05 -11.76 1.34
CA ALA B 107 5.39 -13.18 1.29
C ALA B 107 6.66 -13.44 2.12
N LEU B 108 7.69 -12.64 1.88
CA LEU B 108 8.97 -12.78 2.59
C LEU B 108 8.82 -12.50 4.09
N GLU B 109 7.95 -11.55 4.43
CA GLU B 109 7.68 -11.19 5.82
C GLU B 109 6.99 -12.34 6.56
N LEU B 110 5.96 -12.90 5.93
CA LEU B 110 5.20 -14.03 6.48
C LEU B 110 6.12 -15.22 6.73
N ALA B 111 6.89 -15.59 5.72
CA ALA B 111 7.82 -16.70 5.80
C ALA B 111 8.87 -16.50 6.88
N ARG B 112 9.47 -15.32 6.94
CA ARG B 112 10.50 -15.05 7.94
C ARG B 112 9.94 -15.09 9.35
N MET B 113 8.64 -14.85 9.48
CA MET B 113 8.00 -14.90 10.80
C MET B 113 7.91 -16.36 11.21
N ALA B 114 7.64 -17.22 10.23
CA ALA B 114 7.52 -18.65 10.44
C ALA B 114 8.87 -19.32 10.56
N ASN B 115 9.90 -18.68 10.03
CA ASN B 115 11.24 -19.23 10.08
C ASN B 115 12.31 -18.14 10.07
N PRO B 116 12.75 -17.72 11.26
CA PRO B 116 13.76 -16.69 11.41
C PRO B 116 15.07 -17.05 10.70
N ASP B 117 15.28 -18.34 10.44
CA ASP B 117 16.51 -18.77 9.78
C ASP B 117 16.33 -19.18 8.31
N LEU B 118 15.36 -18.60 7.62
CA LEU B 118 15.13 -18.98 6.23
C LEU B 118 16.11 -18.31 5.27
N ARG B 119 16.35 -18.99 4.15
CA ARG B 119 17.24 -18.48 3.10
C ARG B 119 16.36 -18.50 1.85
N VAL B 120 16.74 -17.70 0.87
CA VAL B 120 15.97 -17.66 -0.35
C VAL B 120 16.86 -17.91 -1.56
N PHE B 121 16.45 -18.87 -2.39
CA PHE B 121 17.18 -19.19 -3.61
C PHE B 121 16.44 -18.42 -4.70
N VAL B 122 17.18 -17.84 -5.63
CA VAL B 122 16.56 -17.10 -6.72
C VAL B 122 17.25 -17.57 -8.00
N SER B 123 16.60 -17.35 -9.13
CA SER B 123 17.15 -17.77 -10.41
C SER B 123 18.26 -16.85 -10.89
N ASP B 124 19.26 -17.45 -11.50
CA ASP B 124 20.36 -16.70 -12.05
C ASP B 124 20.12 -16.62 -13.55
N PRO B 125 19.63 -15.47 -14.05
CA PRO B 125 19.27 -14.25 -13.31
C PRO B 125 17.79 -14.21 -12.93
N THR B 126 17.40 -13.15 -12.22
CA THR B 126 16.02 -12.96 -11.81
C THR B 126 15.75 -11.46 -11.76
N TRP B 127 14.48 -11.10 -11.53
CA TRP B 127 14.07 -9.70 -11.43
C TRP B 127 14.93 -9.03 -10.37
N PRO B 128 15.69 -7.99 -10.75
CA PRO B 128 16.57 -7.27 -9.81
C PRO B 128 15.89 -6.85 -8.52
N ASN B 129 14.62 -6.44 -8.59
CA ASN B 129 13.92 -6.02 -7.39
C ASN B 129 13.75 -7.14 -6.36
N HIS B 130 13.88 -8.39 -6.81
CA HIS B 130 13.76 -9.55 -5.92
C HIS B 130 14.90 -9.50 -4.90
N VAL B 131 16.12 -9.33 -5.42
CA VAL B 131 17.30 -9.28 -4.57
C VAL B 131 17.35 -8.03 -3.69
N SER B 132 16.93 -6.88 -4.22
CA SER B 132 16.96 -5.65 -3.43
C SER B 132 16.10 -5.78 -2.18
N ILE B 133 14.89 -6.31 -2.34
CA ILE B 133 13.99 -6.48 -1.20
C ILE B 133 14.61 -7.43 -0.16
N MET B 134 15.16 -8.53 -0.65
CA MET B 134 15.76 -9.50 0.25
C MET B 134 16.96 -8.92 0.99
N ASN B 135 17.79 -8.17 0.29
CA ASN B 135 18.96 -7.54 0.92
C ASN B 135 18.48 -6.57 2.00
N PHE B 136 17.49 -5.75 1.66
CA PHE B 136 16.92 -4.78 2.58
C PHE B 136 16.42 -5.46 3.86
N MET B 137 15.72 -6.57 3.71
CA MET B 137 15.21 -7.30 4.87
C MET B 137 16.36 -8.00 5.59
N GLY B 138 17.50 -8.09 4.91
CA GLY B 138 18.66 -8.76 5.47
C GLY B 138 18.59 -10.28 5.30
N LEU B 139 17.78 -10.76 4.37
CA LEU B 139 17.62 -12.20 4.14
C LEU B 139 18.72 -12.79 3.27
N PRO B 140 19.27 -13.95 3.67
CA PRO B 140 20.33 -14.66 2.94
C PRO B 140 19.82 -15.12 1.58
N VAL B 141 20.48 -14.66 0.52
CA VAL B 141 20.08 -15.00 -0.85
C VAL B 141 21.09 -15.96 -1.47
N GLN B 142 20.59 -17.03 -2.07
CA GLN B 142 21.41 -18.02 -2.72
C GLN B 142 20.87 -18.06 -4.14
N THR B 143 21.68 -18.48 -5.09
CA THR B 143 21.23 -18.53 -6.46
C THR B 143 21.31 -19.93 -7.05
N TYR B 144 20.36 -20.23 -7.93
CA TYR B 144 20.34 -21.50 -8.60
C TYR B 144 20.44 -21.17 -10.07
N ARG B 145 21.31 -21.91 -10.77
CA ARG B 145 21.50 -21.73 -12.19
C ARG B 145 20.15 -21.88 -12.87
N TYR B 146 19.92 -21.13 -13.93
CA TYR B 146 18.64 -21.19 -14.62
C TYR B 146 18.79 -20.88 -16.11
N PHE B 147 19.35 -19.72 -16.43
CA PHE B 147 19.52 -19.34 -17.81
C PHE B 147 20.80 -19.92 -18.38
N ASP B 148 20.78 -20.36 -19.62
CA ASP B 148 21.95 -20.92 -20.25
C ASP B 148 22.46 -19.86 -21.22
N ALA B 149 23.61 -19.29 -20.90
CA ALA B 149 24.22 -18.24 -21.73
C ALA B 149 24.34 -18.60 -23.20
N GLU B 150 24.80 -19.81 -23.49
CA GLU B 150 24.99 -20.26 -24.87
C GLU B 150 23.72 -20.58 -25.66
N THR B 151 22.90 -21.49 -25.15
CA THR B 151 21.67 -21.89 -25.83
C THR B 151 20.51 -20.93 -25.63
N ARG B 152 20.66 -20.00 -24.70
CA ARG B 152 19.61 -19.03 -24.39
C ARG B 152 18.38 -19.70 -23.81
N GLY B 153 18.51 -20.98 -23.47
CA GLY B 153 17.39 -21.68 -22.89
C GLY B 153 17.61 -21.83 -21.40
N VAL B 154 17.02 -22.85 -20.81
CA VAL B 154 17.17 -23.10 -19.38
C VAL B 154 18.20 -24.20 -19.12
N ASP B 155 19.13 -23.93 -18.22
CA ASP B 155 20.14 -24.90 -17.84
C ASP B 155 19.44 -25.79 -16.80
N PHE B 156 18.53 -26.64 -17.25
CA PHE B 156 17.77 -27.50 -16.34
C PHE B 156 18.61 -28.50 -15.56
N GLU B 157 19.64 -29.08 -16.19
CA GLU B 157 20.50 -30.02 -15.49
C GLU B 157 21.21 -29.33 -14.31
N GLY B 158 21.58 -28.06 -14.51
CA GLY B 158 22.24 -27.29 -13.47
C GLY B 158 21.27 -26.76 -12.45
N MET B 159 20.08 -26.37 -12.90
CA MET B 159 19.05 -25.86 -12.01
C MET B 159 18.70 -26.92 -10.96
N LYS B 160 18.52 -28.15 -11.42
CA LYS B 160 18.19 -29.26 -10.53
C LYS B 160 19.31 -29.52 -9.55
N ALA B 161 20.54 -29.41 -10.03
CA ALA B 161 21.73 -29.63 -9.21
C ALA B 161 21.71 -28.71 -7.99
N ASP B 162 21.53 -27.42 -8.25
CA ASP B 162 21.52 -26.44 -7.17
C ASP B 162 20.35 -26.57 -6.21
N LEU B 163 19.17 -26.86 -6.74
CA LEU B 163 18.01 -27.00 -5.88
C LEU B 163 18.14 -28.15 -4.88
N ALA B 164 18.87 -29.18 -5.26
CA ALA B 164 19.07 -30.34 -4.39
C ALA B 164 19.76 -29.99 -3.08
N ALA B 165 20.45 -28.86 -3.07
CA ALA B 165 21.15 -28.39 -1.88
C ALA B 165 20.24 -27.63 -0.91
N ALA B 166 19.06 -27.24 -1.38
CA ALA B 166 18.13 -26.52 -0.54
C ALA B 166 17.70 -27.44 0.59
N LYS B 167 17.50 -26.89 1.79
CA LYS B 167 17.09 -27.70 2.93
C LYS B 167 15.65 -27.37 3.30
N LYS B 168 15.18 -27.96 4.39
CA LYS B 168 13.83 -27.72 4.87
C LYS B 168 13.86 -26.31 5.45
N GLY B 169 12.79 -25.55 5.25
CA GLY B 169 12.75 -24.21 5.79
C GLY B 169 13.25 -23.17 4.82
N ASP B 170 13.91 -23.60 3.76
CA ASP B 170 14.39 -22.66 2.75
C ASP B 170 13.24 -22.35 1.81
N MET B 171 13.37 -21.26 1.07
CA MET B 171 12.36 -20.87 0.13
C MET B 171 13.01 -20.79 -1.23
N VAL B 172 12.28 -21.22 -2.24
CA VAL B 172 12.78 -21.18 -3.61
C VAL B 172 11.84 -20.29 -4.38
N LEU B 173 12.37 -19.25 -5.00
CA LEU B 173 11.54 -18.33 -5.75
C LEU B 173 11.50 -18.75 -7.21
N LEU B 174 10.30 -19.10 -7.69
CA LEU B 174 10.11 -19.51 -9.08
C LEU B 174 9.16 -18.55 -9.80
N HIS B 175 9.48 -18.21 -11.05
CA HIS B 175 8.60 -17.36 -11.85
C HIS B 175 7.61 -18.35 -12.47
N GLY B 176 6.31 -18.17 -12.20
CA GLY B 176 5.29 -19.07 -12.71
C GLY B 176 5.29 -19.27 -14.21
N CYS B 177 5.64 -18.20 -14.93
CA CYS B 177 5.68 -18.21 -16.38
C CYS B 177 6.37 -16.91 -16.80
N CYS B 178 6.60 -16.75 -18.10
CA CYS B 178 7.22 -15.54 -18.64
C CYS B 178 8.37 -15.00 -17.78
N HIS B 179 9.42 -15.80 -17.63
CA HIS B 179 10.57 -15.44 -16.81
C HIS B 179 11.19 -14.11 -17.16
N ASN B 180 11.23 -13.23 -16.16
CA ASN B 180 11.80 -11.91 -16.26
C ASN B 180 13.15 -12.06 -15.57
N PRO B 181 14.27 -11.64 -16.21
CA PRO B 181 14.52 -10.99 -17.51
C PRO B 181 14.82 -11.84 -18.77
N THR B 182 15.05 -13.14 -18.62
CA THR B 182 15.42 -13.98 -19.76
C THR B 182 14.41 -14.29 -20.84
N GLY B 183 13.21 -14.65 -20.43
CA GLY B 183 12.19 -15.02 -21.38
C GLY B 183 12.22 -16.53 -21.57
N ALA B 184 13.16 -17.20 -20.90
CA ALA B 184 13.32 -18.66 -20.97
C ALA B 184 12.42 -19.29 -19.93
N ASN B 185 11.63 -20.28 -20.34
CA ASN B 185 10.66 -20.90 -19.43
C ASN B 185 10.69 -22.44 -19.39
N LEU B 186 10.40 -22.98 -18.22
CA LEU B 186 10.38 -24.42 -18.02
C LEU B 186 9.14 -25.02 -18.69
N THR B 187 9.25 -26.28 -19.13
CA THR B 187 8.12 -26.98 -19.74
C THR B 187 7.44 -27.69 -18.57
N LEU B 188 6.19 -28.11 -18.77
CA LEU B 188 5.46 -28.77 -17.70
C LEU B 188 6.18 -30.00 -17.22
N ASP B 189 6.96 -30.62 -18.11
CA ASP B 189 7.73 -31.81 -17.75
C ASP B 189 8.83 -31.40 -16.78
N GLN B 190 9.41 -30.23 -17.02
CA GLN B 190 10.47 -29.70 -16.16
C GLN B 190 9.89 -29.29 -14.81
N TRP B 191 8.65 -28.83 -14.79
CA TRP B 191 8.00 -28.44 -13.54
C TRP B 191 7.72 -29.65 -12.66
N ALA B 192 7.35 -30.76 -13.28
CA ALA B 192 7.07 -32.00 -12.56
C ALA B 192 8.35 -32.48 -11.87
N GLU B 193 9.49 -32.34 -12.54
CA GLU B 193 10.75 -32.73 -11.94
C GLU B 193 11.10 -31.82 -10.75
N ILE B 194 10.91 -30.51 -10.93
CA ILE B 194 11.19 -29.58 -9.84
C ILE B 194 10.29 -29.89 -8.65
N ALA B 195 9.04 -30.25 -8.91
CA ALA B 195 8.11 -30.59 -7.84
C ALA B 195 8.62 -31.80 -7.08
N SER B 196 9.31 -32.70 -7.77
CA SER B 196 9.90 -33.89 -7.16
C SER B 196 10.99 -33.47 -6.18
N ILE B 197 11.95 -32.68 -6.67
CA ILE B 197 13.04 -32.16 -5.85
C ILE B 197 12.50 -31.40 -4.63
N LEU B 198 11.55 -30.49 -4.86
CA LEU B 198 10.97 -29.70 -3.78
C LEU B 198 10.40 -30.53 -2.64
N GLU B 199 9.66 -31.57 -2.97
CA GLU B 199 9.08 -32.40 -1.91
C GLU B 199 10.10 -33.31 -1.25
N LYS B 200 11.30 -33.39 -1.82
CA LYS B 200 12.37 -34.17 -1.22
C LYS B 200 13.18 -33.27 -0.28
N THR B 201 13.37 -32.01 -0.70
CA THR B 201 14.12 -31.02 0.08
C THR B 201 13.30 -30.35 1.18
N GLY B 202 11.99 -30.21 0.97
CA GLY B 202 11.16 -29.56 1.95
C GLY B 202 11.17 -28.04 1.80
N ALA B 203 11.80 -27.57 0.72
CA ALA B 203 11.89 -26.14 0.44
C ALA B 203 10.52 -25.58 0.08
N LEU B 204 10.15 -24.49 0.75
CA LEU B 204 8.89 -23.81 0.52
C LEU B 204 8.97 -23.05 -0.79
N PRO B 205 8.08 -23.33 -1.74
CA PRO B 205 8.22 -22.56 -2.98
C PRO B 205 7.37 -21.28 -2.97
N LEU B 206 7.99 -20.19 -3.42
CA LEU B 206 7.30 -18.91 -3.54
C LEU B 206 7.26 -18.72 -5.06
N ILE B 207 6.08 -18.51 -5.59
CA ILE B 207 5.91 -18.37 -7.02
C ILE B 207 5.51 -16.94 -7.38
N ASP B 208 6.33 -16.33 -8.23
CA ASP B 208 6.09 -14.97 -8.70
C ASP B 208 5.30 -15.09 -9.99
N LEU B 209 3.99 -14.85 -9.91
CA LEU B 209 3.11 -14.93 -11.05
C LEU B 209 2.73 -13.50 -11.43
N ALA B 210 3.51 -12.92 -12.34
CA ALA B 210 3.29 -11.55 -12.77
C ALA B 210 2.76 -11.39 -14.19
N TYR B 211 2.94 -12.41 -15.02
CA TYR B 211 2.51 -12.32 -16.41
C TYR B 211 1.53 -13.40 -16.90
N GLN B 212 0.75 -13.99 -16.00
CA GLN B 212 -0.19 -15.03 -16.42
C GLN B 212 -1.09 -14.52 -17.56
N GLY B 213 -0.84 -15.02 -18.77
CA GLY B 213 -1.63 -14.61 -19.92
C GLY B 213 -0.80 -14.12 -21.08
N PHE B 214 0.49 -13.91 -20.85
CA PHE B 214 1.35 -13.40 -21.91
C PHE B 214 2.20 -14.46 -22.55
N GLY B 215 2.24 -15.63 -21.92
CA GLY B 215 3.03 -16.72 -22.46
C GLY B 215 2.29 -17.53 -23.51
N ASP B 216 1.40 -18.41 -23.05
CA ASP B 216 0.63 -19.27 -23.93
C ASP B 216 -0.87 -19.18 -23.67
N GLY B 217 -1.26 -18.48 -22.62
CA GLY B 217 -2.68 -18.35 -22.36
C GLY B 217 -2.95 -18.33 -20.89
N LEU B 218 -4.11 -17.79 -20.53
CA LEU B 218 -4.51 -17.69 -19.14
C LEU B 218 -4.33 -19.00 -18.41
N GLU B 219 -4.98 -20.05 -18.90
CA GLU B 219 -4.91 -21.35 -18.27
C GLU B 219 -3.55 -22.02 -18.40
N GLU B 220 -2.95 -21.95 -19.60
CA GLU B 220 -1.64 -22.59 -19.81
C GLU B 220 -0.52 -21.98 -18.97
N ASP B 221 -0.52 -20.67 -18.80
CA ASP B 221 0.51 -20.02 -18.01
C ASP B 221 0.42 -20.37 -16.53
N ALA B 222 -0.76 -20.81 -16.08
CA ALA B 222 -0.98 -21.20 -14.70
C ALA B 222 -0.69 -22.71 -14.48
N ALA B 223 -0.43 -23.44 -15.57
CA ALA B 223 -0.14 -24.87 -15.54
C ALA B 223 0.89 -25.29 -14.49
N GLY B 224 2.11 -24.76 -14.59
CA GLY B 224 3.17 -25.09 -13.64
C GLY B 224 2.80 -24.82 -12.19
N THR B 225 2.20 -23.66 -11.94
CA THR B 225 1.78 -23.26 -10.60
C THR B 225 0.74 -24.26 -10.06
N ARG B 226 -0.17 -24.69 -10.92
CA ARG B 226 -1.20 -25.65 -10.52
C ARG B 226 -0.57 -27.02 -10.24
N LEU B 227 0.48 -27.33 -10.96
CA LEU B 227 1.19 -28.59 -10.78
C LEU B 227 1.92 -28.62 -9.43
N ILE B 228 2.63 -27.54 -9.10
CA ILE B 228 3.35 -27.43 -7.83
C ILE B 228 2.32 -27.50 -6.71
N ALA B 229 1.26 -26.70 -6.82
CA ALA B 229 0.21 -26.64 -5.81
C ALA B 229 -0.49 -27.97 -5.57
N SER B 230 -0.47 -28.85 -6.57
CA SER B 230 -1.11 -30.15 -6.44
C SER B 230 -0.19 -31.09 -5.68
N ARG B 231 1.10 -30.93 -5.89
CA ARG B 231 2.08 -31.78 -5.23
C ARG B 231 2.56 -31.32 -3.86
N ILE B 232 3.08 -30.10 -3.78
CA ILE B 232 3.58 -29.55 -2.53
C ILE B 232 2.42 -29.07 -1.65
N PRO B 233 2.33 -29.61 -0.41
CA PRO B 233 1.29 -29.30 0.57
C PRO B 233 1.21 -27.85 1.03
N GLU B 234 2.31 -27.11 0.88
CA GLU B 234 2.33 -25.71 1.28
C GLU B 234 3.10 -24.87 0.26
N VAL B 235 2.40 -23.94 -0.37
CA VAL B 235 3.06 -23.08 -1.36
C VAL B 235 2.62 -21.62 -1.21
N LEU B 236 3.45 -20.70 -1.67
CA LEU B 236 3.15 -19.28 -1.60
C LEU B 236 3.12 -18.72 -3.00
N ILE B 237 2.05 -18.02 -3.36
CA ILE B 237 1.96 -17.44 -4.69
C ILE B 237 1.74 -15.94 -4.60
N ALA B 238 2.66 -15.18 -5.19
CA ALA B 238 2.59 -13.73 -5.22
C ALA B 238 2.12 -13.36 -6.60
N ALA B 239 0.85 -12.95 -6.70
CA ALA B 239 0.27 -12.60 -7.99
C ALA B 239 0.13 -11.10 -8.22
N SER B 240 0.19 -10.71 -9.49
CA SER B 240 0.06 -9.32 -9.89
C SER B 240 -0.99 -9.11 -10.98
N CYS B 241 -1.83 -8.09 -10.81
CA CYS B 241 -2.84 -7.75 -11.80
C CYS B 241 -2.41 -6.57 -12.66
N SER B 242 -1.17 -6.11 -12.48
CA SER B 242 -0.64 -4.96 -13.20
C SER B 242 -0.61 -5.10 -14.71
N LYS B 243 -0.03 -6.19 -15.20
CA LYS B 243 0.13 -6.41 -16.61
C LYS B 243 -1.03 -7.11 -17.34
N ASN B 244 -1.50 -8.24 -16.82
CA ASN B 244 -2.61 -8.94 -17.45
C ASN B 244 -3.93 -8.19 -17.37
N PHE B 245 -4.00 -7.18 -16.50
CA PHE B 245 -5.20 -6.34 -16.38
C PHE B 245 -4.89 -4.89 -16.79
N GLY B 246 -3.61 -4.61 -17.04
CA GLY B 246 -3.19 -3.28 -17.46
C GLY B 246 -3.55 -2.16 -16.50
N ILE B 247 -3.48 -2.45 -15.20
CA ILE B 247 -3.81 -1.48 -14.18
C ILE B 247 -2.59 -1.24 -13.28
N TYR B 248 -1.45 -1.09 -13.93
CA TYR B 248 -0.16 -0.87 -13.29
C TYR B 248 -0.20 0.08 -12.11
N ARG B 249 -0.68 1.30 -12.35
CA ARG B 249 -0.74 2.33 -11.31
C ARG B 249 -1.76 2.15 -10.20
N GLU B 250 -2.73 1.27 -10.40
CA GLU B 250 -3.75 1.04 -9.37
C GLU B 250 -3.17 0.28 -8.18
N ARG B 251 -2.09 -0.44 -8.44
CA ARG B 251 -1.40 -1.18 -7.40
C ARG B 251 -2.27 -2.28 -6.81
N THR B 252 -2.45 -3.35 -7.58
CA THR B 252 -3.26 -4.48 -7.15
C THR B 252 -2.67 -5.85 -7.51
N GLY B 253 -2.68 -6.73 -6.52
CA GLY B 253 -2.17 -8.08 -6.66
C GLY B 253 -2.62 -8.77 -5.39
N CYS B 254 -2.08 -9.94 -5.10
CA CYS B 254 -2.44 -10.63 -3.87
C CYS B 254 -1.49 -11.77 -3.57
N LEU B 255 -1.49 -12.21 -2.33
CA LEU B 255 -0.65 -13.30 -1.90
C LEU B 255 -1.57 -14.43 -1.47
N LEU B 256 -1.28 -15.62 -1.98
CA LEU B 256 -2.05 -16.81 -1.65
C LEU B 256 -1.13 -17.72 -0.87
N ALA B 257 -1.60 -18.19 0.27
CA ALA B 257 -0.83 -19.10 1.10
C ALA B 257 -1.58 -20.41 1.13
N LEU B 258 -1.03 -21.43 0.47
CA LEU B 258 -1.65 -22.75 0.44
C LEU B 258 -1.08 -23.51 1.62
N CYS B 259 -1.97 -23.97 2.51
CA CYS B 259 -1.56 -24.69 3.70
C CYS B 259 -2.03 -26.16 3.67
N ALA B 260 -1.47 -26.97 4.56
CA ALA B 260 -1.83 -28.39 4.62
C ALA B 260 -3.19 -28.66 5.24
N ASP B 261 -3.68 -27.75 6.07
CA ASP B 261 -4.98 -27.92 6.71
C ASP B 261 -5.61 -26.60 7.11
N ALA B 262 -6.82 -26.70 7.65
CA ALA B 262 -7.59 -25.53 8.07
C ALA B 262 -6.96 -24.76 9.24
N ALA B 263 -6.37 -25.48 10.18
CA ALA B 263 -5.74 -24.86 11.33
C ALA B 263 -4.58 -23.99 10.86
N THR B 264 -3.63 -24.59 10.15
CA THR B 264 -2.46 -23.88 9.63
C THR B 264 -2.91 -22.70 8.78
N ARG B 265 -4.01 -22.92 8.06
CA ARG B 265 -4.58 -21.91 7.18
C ARG B 265 -5.15 -20.73 7.97
N GLU B 266 -5.78 -21.01 9.09
CA GLU B 266 -6.35 -19.97 9.93
C GLU B 266 -5.22 -19.11 10.49
N LEU B 267 -4.12 -19.75 10.84
CA LEU B 267 -2.96 -19.05 11.37
C LEU B 267 -2.44 -18.06 10.34
N ALA B 268 -2.08 -18.60 9.18
CA ALA B 268 -1.54 -17.81 8.07
C ALA B 268 -2.41 -16.61 7.75
N GLN B 269 -3.70 -16.86 7.57
CA GLN B 269 -4.65 -15.80 7.25
C GLN B 269 -4.59 -14.69 8.30
N GLY B 270 -4.51 -15.08 9.56
CA GLY B 270 -4.45 -14.10 10.62
C GLY B 270 -3.15 -13.30 10.53
N ALA B 271 -2.03 -14.01 10.37
CA ALA B 271 -0.74 -13.38 10.27
C ALA B 271 -0.65 -12.49 9.03
N MET B 272 -1.41 -12.83 7.99
CA MET B 272 -1.42 -12.05 6.75
C MET B 272 -2.19 -10.74 6.93
N ALA B 273 -3.32 -10.78 7.63
CA ALA B 273 -4.14 -9.58 7.87
C ALA B 273 -3.32 -8.59 8.71
N PHE B 274 -2.73 -9.13 9.77
CA PHE B 274 -1.87 -8.41 10.71
C PHE B 274 -0.71 -7.77 9.95
N LEU B 275 -0.15 -8.52 9.00
CA LEU B 275 0.97 -8.04 8.20
C LEU B 275 0.58 -6.78 7.41
N ASN B 276 -0.68 -6.70 7.01
CA ASN B 276 -1.17 -5.54 6.28
C ASN B 276 -1.45 -4.38 7.22
N ARG B 277 -1.99 -4.71 8.39
CA ARG B 277 -2.35 -3.74 9.40
C ARG B 277 -1.14 -2.93 9.86
N GLN B 278 -0.05 -3.63 10.14
CA GLN B 278 1.17 -3.00 10.62
C GLN B 278 2.02 -2.35 9.52
N THR B 279 1.57 -2.38 8.27
CA THR B 279 2.36 -1.80 7.19
C THR B 279 1.70 -0.60 6.55
N TYR B 280 0.38 -0.67 6.41
CA TYR B 280 -0.36 0.42 5.80
C TYR B 280 -1.83 0.31 6.09
N SER B 281 -2.18 -0.60 7.00
CA SER B 281 -3.60 -0.80 7.35
C SER B 281 -4.30 -1.53 6.19
N PHE B 282 -5.43 -1.01 5.72
CA PHE B 282 -6.17 -1.61 4.62
C PHE B 282 -5.44 -1.54 3.28
N PRO B 283 -5.70 -2.49 2.37
CA PRO B 283 -5.07 -2.51 1.05
C PRO B 283 -5.93 -1.68 0.08
N PRO B 284 -5.34 -1.13 -1.00
CA PRO B 284 -5.96 -0.30 -2.04
C PRO B 284 -7.17 -1.01 -2.64
N PHE B 285 -8.33 -0.34 -2.66
CA PHE B 285 -9.55 -0.94 -3.18
C PHE B 285 -9.86 -0.81 -4.67
N HIS B 286 -9.65 0.38 -5.24
CA HIS B 286 -10.00 0.60 -6.64
C HIS B 286 -9.64 -0.46 -7.68
N GLY B 287 -8.39 -0.87 -7.70
CA GLY B 287 -7.93 -1.86 -8.67
C GLY B 287 -8.51 -3.24 -8.41
N ALA B 288 -8.55 -3.63 -7.15
CA ALA B 288 -9.09 -4.94 -6.77
C ALA B 288 -10.54 -5.04 -7.24
N LYS B 289 -11.27 -3.95 -7.10
CA LYS B 289 -12.67 -3.90 -7.48
C LYS B 289 -12.84 -4.04 -8.99
N ILE B 290 -11.87 -3.52 -9.73
CA ILE B 290 -11.91 -3.60 -11.19
C ILE B 290 -11.74 -5.07 -11.58
N VAL B 291 -10.75 -5.71 -10.97
CA VAL B 291 -10.45 -7.10 -11.23
C VAL B 291 -11.62 -8.04 -10.97
N SER B 292 -12.18 -8.00 -9.75
CA SER B 292 -13.29 -8.89 -9.44
C SER B 292 -14.50 -8.59 -10.33
N THR B 293 -14.79 -7.31 -10.54
CA THR B 293 -15.92 -6.93 -11.38
C THR B 293 -15.78 -7.55 -12.75
N VAL B 294 -14.56 -7.56 -13.28
CA VAL B 294 -14.29 -8.16 -14.58
C VAL B 294 -14.43 -9.67 -14.49
N LEU B 295 -13.75 -10.27 -13.52
CA LEU B 295 -13.76 -11.71 -13.32
C LEU B 295 -15.11 -12.36 -13.07
N THR B 296 -16.00 -11.66 -12.37
CA THR B 296 -17.32 -12.16 -12.04
C THR B 296 -18.42 -11.72 -13.02
N THR B 297 -18.05 -10.96 -14.03
CA THR B 297 -19.03 -10.52 -15.00
C THR B 297 -18.69 -11.14 -16.34
N PRO B 298 -19.35 -12.27 -16.67
CA PRO B 298 -19.21 -13.07 -17.88
C PRO B 298 -18.92 -12.28 -19.14
N GLU B 299 -19.68 -11.21 -19.34
CA GLU B 299 -19.53 -10.35 -20.50
C GLU B 299 -18.15 -9.70 -20.48
N LEU B 300 -17.83 -9.11 -19.34
CA LEU B 300 -16.55 -8.45 -19.14
C LEU B 300 -15.39 -9.45 -19.23
N ARG B 301 -15.48 -10.56 -18.49
CA ARG B 301 -14.46 -11.61 -18.50
C ARG B 301 -14.17 -12.07 -19.92
N ALA B 302 -15.24 -12.27 -20.69
CA ALA B 302 -15.12 -12.72 -22.08
C ALA B 302 -14.33 -11.73 -22.91
N ASP B 303 -14.69 -10.45 -22.82
CA ASP B 303 -13.98 -9.42 -23.58
C ASP B 303 -12.52 -9.28 -23.15
N TRP B 304 -12.29 -9.29 -21.84
CA TRP B 304 -10.95 -9.19 -21.29
C TRP B 304 -10.07 -10.32 -21.83
N MET B 305 -10.57 -11.55 -21.71
CA MET B 305 -9.84 -12.73 -22.20
C MET B 305 -9.50 -12.52 -23.66
N ALA B 306 -10.46 -12.02 -24.43
CA ALA B 306 -10.29 -11.78 -25.85
C ALA B 306 -9.21 -10.74 -26.15
N GLU B 307 -9.24 -9.64 -25.42
CA GLU B 307 -8.26 -8.58 -25.59
C GLU B 307 -6.87 -9.03 -25.17
N LEU B 308 -6.80 -9.77 -24.06
CA LEU B 308 -5.52 -10.28 -23.57
C LEU B 308 -4.94 -11.24 -24.61
N GLU B 309 -5.82 -12.08 -25.20
CA GLU B 309 -5.42 -13.04 -26.23
C GLU B 309 -4.85 -12.32 -27.42
N ALA B 310 -5.52 -11.24 -27.84
CA ALA B 310 -5.05 -10.44 -28.96
C ALA B 310 -3.63 -9.92 -28.69
N VAL B 311 -3.40 -9.45 -27.46
CA VAL B 311 -2.10 -8.94 -27.04
C VAL B 311 -1.03 -10.03 -27.07
N ARG B 312 -1.34 -11.17 -26.46
CA ARG B 312 -0.41 -12.31 -26.41
C ARG B 312 -0.10 -12.86 -27.81
N SER B 313 -1.08 -12.76 -28.70
CA SER B 313 -0.92 -13.21 -30.07
C SER B 313 -0.01 -12.26 -30.86
N GLY B 314 -0.29 -10.97 -30.74
CA GLY B 314 0.50 -9.96 -31.42
C GLY B 314 1.98 -10.04 -31.14
N MET B 315 2.34 -10.13 -29.86
CA MET B 315 3.74 -10.21 -29.47
C MET B 315 4.37 -11.47 -30.03
N LEU B 316 3.62 -12.56 -30.07
CA LEU B 316 4.14 -13.82 -30.61
C LEU B 316 4.52 -13.60 -32.07
N ARG B 317 3.65 -12.90 -32.79
CA ARG B 317 3.85 -12.58 -34.20
C ARG B 317 5.10 -11.71 -34.36
N LEU B 318 5.29 -10.76 -33.45
CA LEU B 318 6.46 -9.86 -33.47
C LEU B 318 7.75 -10.64 -33.30
N ARG B 319 7.80 -11.56 -32.34
CA ARG B 319 9.01 -12.35 -32.11
C ARG B 319 9.39 -13.10 -33.39
N GLU B 320 8.39 -13.59 -34.11
CA GLU B 320 8.61 -14.32 -35.36
C GLU B 320 9.15 -13.38 -36.43
N GLN B 321 8.58 -12.19 -36.54
CA GLN B 321 9.04 -11.22 -37.53
C GLN B 321 10.49 -10.90 -37.20
N LEU B 322 10.75 -10.53 -35.94
CA LEU B 322 12.09 -10.18 -35.50
C LEU B 322 13.09 -11.30 -35.72
N ALA B 323 12.72 -12.52 -35.35
CA ALA B 323 13.60 -13.67 -35.52
C ALA B 323 13.91 -13.82 -37.01
N GLY B 324 12.89 -13.72 -37.85
CA GLY B 324 13.06 -13.84 -39.28
C GLY B 324 13.94 -12.74 -39.85
N GLU B 325 13.66 -11.50 -39.44
CA GLU B 325 14.41 -10.34 -39.89
C GLU B 325 15.90 -10.57 -39.64
N LEU B 326 16.23 -11.04 -38.45
CA LEU B 326 17.62 -11.29 -38.10
C LEU B 326 18.22 -12.41 -38.94
N ARG B 327 17.49 -13.51 -39.08
CA ARG B 327 17.97 -14.66 -39.87
C ARG B 327 18.33 -14.25 -41.29
N ASP B 328 17.41 -13.56 -41.96
CA ASP B 328 17.65 -13.12 -43.32
C ASP B 328 18.75 -12.07 -43.36
N LEU B 329 19.04 -11.47 -42.21
CA LEU B 329 20.05 -10.44 -42.10
C LEU B 329 21.42 -11.04 -41.76
N SER B 330 21.51 -12.35 -41.62
CA SER B 330 22.79 -12.97 -41.30
C SER B 330 22.93 -14.42 -41.77
N GLY B 331 21.88 -14.96 -42.38
CA GLY B 331 21.91 -16.33 -42.87
C GLY B 331 21.82 -17.34 -41.75
N SER B 332 22.52 -17.08 -40.66
CA SER B 332 22.53 -17.95 -39.50
C SER B 332 21.23 -17.87 -38.75
N ASP B 333 20.77 -19.02 -38.26
CA ASP B 333 19.53 -19.08 -37.50
C ASP B 333 19.93 -19.13 -36.01
N ARG B 334 20.89 -18.28 -35.66
CA ARG B 334 21.41 -18.19 -34.30
C ARG B 334 20.42 -17.51 -33.35
N PHE B 335 19.74 -16.48 -33.84
CA PHE B 335 18.78 -15.77 -33.02
C PHE B 335 17.39 -16.42 -33.00
N GLY B 336 17.36 -17.73 -33.19
CA GLY B 336 16.11 -18.45 -33.18
C GLY B 336 15.50 -18.44 -31.79
N PHE B 337 16.35 -18.45 -30.77
CA PHE B 337 15.90 -18.44 -29.38
C PHE B 337 14.85 -17.37 -29.09
N VAL B 338 14.84 -16.31 -29.88
CA VAL B 338 13.87 -15.24 -29.69
C VAL B 338 12.45 -15.79 -29.89
N ALA B 339 12.27 -16.58 -30.94
CA ALA B 339 10.96 -17.17 -31.24
C ALA B 339 10.60 -18.24 -30.21
N GLU B 340 11.62 -18.84 -29.60
CA GLU B 340 11.43 -19.87 -28.59
C GLU B 340 11.02 -19.28 -27.25
N HIS B 341 11.53 -18.09 -26.95
CA HIS B 341 11.23 -17.44 -25.68
C HIS B 341 9.75 -17.10 -25.58
N ARG B 342 9.27 -16.90 -24.37
CA ARG B 342 7.86 -16.60 -24.18
C ARG B 342 7.67 -15.55 -23.10
N GLY B 343 6.95 -14.49 -23.44
CA GLY B 343 6.69 -13.42 -22.50
C GLY B 343 6.94 -12.07 -23.14
N MET B 344 7.28 -11.08 -22.32
CA MET B 344 7.56 -9.76 -22.87
C MET B 344 9.03 -9.52 -23.08
N PHE B 345 9.87 -10.23 -22.34
CA PHE B 345 11.31 -10.05 -22.40
C PHE B 345 12.07 -11.17 -23.08
N SER B 346 13.31 -10.86 -23.41
CA SER B 346 14.21 -11.81 -24.05
C SER B 346 15.58 -11.18 -23.95
N ARG B 347 16.54 -11.89 -23.36
CA ARG B 347 17.90 -11.37 -23.24
C ARG B 347 18.68 -11.68 -24.51
N LEU B 348 19.01 -10.65 -25.26
CA LEU B 348 19.74 -10.82 -26.52
C LEU B 348 21.13 -11.42 -26.32
N GLY B 349 21.63 -11.35 -25.09
CA GLY B 349 22.95 -11.87 -24.79
C GLY B 349 24.09 -10.90 -25.08
N ALA B 350 23.75 -9.75 -25.67
CA ALA B 350 24.75 -8.74 -25.98
C ALA B 350 25.57 -8.43 -24.73
N THR B 351 26.87 -8.22 -24.90
CA THR B 351 27.74 -7.91 -23.77
C THR B 351 27.45 -6.47 -23.30
N PRO B 352 27.78 -6.18 -22.03
CA PRO B 352 27.56 -4.83 -21.47
C PRO B 352 28.15 -3.72 -22.33
N GLU B 353 29.32 -3.97 -22.89
CA GLU B 353 29.99 -2.97 -23.71
C GLU B 353 29.28 -2.71 -25.04
N GLN B 354 28.57 -3.73 -25.55
CA GLN B 354 27.84 -3.62 -26.80
C GLN B 354 26.50 -2.90 -26.61
N VAL B 355 25.78 -3.25 -25.55
CA VAL B 355 24.49 -2.64 -25.28
C VAL B 355 24.58 -1.11 -25.24
N LYS B 356 25.66 -0.60 -24.65
CA LYS B 356 25.85 0.84 -24.54
C LYS B 356 25.96 1.51 -25.90
N ARG B 357 26.63 0.86 -26.84
CA ARG B 357 26.78 1.41 -28.19
C ARG B 357 25.38 1.68 -28.76
N ILE B 358 24.55 0.66 -28.70
CA ILE B 358 23.19 0.71 -29.20
C ILE B 358 22.40 1.94 -28.74
N LYS B 359 22.34 2.16 -27.43
CA LYS B 359 21.59 3.30 -26.88
C LYS B 359 22.14 4.69 -27.20
N GLU B 360 23.45 4.86 -27.14
CA GLU B 360 24.07 6.15 -27.41
C GLU B 360 24.03 6.54 -28.89
N GLU B 361 24.27 5.57 -29.77
CA GLU B 361 24.26 5.84 -31.21
C GLU B 361 22.95 5.53 -31.93
N PHE B 362 22.42 4.32 -31.72
CA PHE B 362 21.17 3.92 -32.37
C PHE B 362 19.91 4.48 -31.71
N GLY B 363 20.05 5.06 -30.53
CA GLY B 363 18.92 5.65 -29.82
C GLY B 363 17.91 4.65 -29.28
N ILE B 364 18.26 3.37 -29.30
CA ILE B 364 17.38 2.33 -28.81
C ILE B 364 17.76 1.93 -27.38
N TYR B 365 16.84 2.20 -26.46
CA TYR B 365 17.05 1.93 -25.04
C TYR B 365 16.54 0.59 -24.55
N MET B 366 17.47 -0.28 -24.17
CA MET B 366 17.18 -1.59 -23.63
C MET B 366 17.98 -1.75 -22.35
N VAL B 367 17.49 -2.53 -21.41
CA VAL B 367 18.18 -2.71 -20.13
C VAL B 367 19.60 -3.28 -20.31
N GLY B 368 20.54 -2.72 -19.54
CA GLY B 368 21.94 -3.10 -19.60
C GLY B 368 22.35 -4.56 -19.70
N ASP B 369 21.43 -5.46 -19.36
CA ASP B 369 21.72 -6.88 -19.43
C ASP B 369 21.16 -7.45 -20.73
N SER B 370 20.85 -6.55 -21.66
CA SER B 370 20.28 -6.87 -22.97
C SER B 370 18.87 -7.42 -22.91
N ARG B 371 18.09 -6.96 -21.94
CA ARG B 371 16.70 -7.39 -21.82
C ARG B 371 15.88 -6.48 -22.69
N ILE B 372 15.22 -7.04 -23.70
CA ILE B 372 14.38 -6.23 -24.57
C ILE B 372 12.91 -6.56 -24.39
N ASN B 373 12.10 -5.52 -24.27
CA ASN B 373 10.67 -5.66 -24.13
C ASN B 373 10.18 -5.77 -25.57
N ILE B 374 9.88 -6.99 -26.00
CA ILE B 374 9.44 -7.22 -27.38
C ILE B 374 8.21 -6.39 -27.75
N ALA B 375 7.44 -6.00 -26.74
CA ALA B 375 6.24 -5.19 -26.93
C ALA B 375 6.62 -3.79 -27.44
N GLY B 376 7.90 -3.44 -27.27
CA GLY B 376 8.39 -2.14 -27.70
C GLY B 376 8.72 -2.11 -29.19
N LEU B 377 8.64 -3.26 -29.86
CA LEU B 377 8.93 -3.34 -31.28
C LEU B 377 7.68 -3.34 -32.14
N ASN B 378 7.90 -3.10 -33.43
CA ASN B 378 6.83 -3.07 -34.43
C ASN B 378 7.49 -3.19 -35.78
N ASP B 379 6.70 -3.49 -36.80
CA ASP B 379 7.19 -3.66 -38.18
C ASP B 379 8.20 -2.59 -38.64
N ASN B 380 8.04 -1.36 -38.14
CA ASN B 380 8.91 -0.24 -38.49
C ASN B 380 10.26 -0.29 -37.77
N THR B 381 10.22 -0.57 -36.47
CA THR B 381 11.43 -0.62 -35.66
C THR B 381 12.18 -1.96 -35.63
N ILE B 382 11.51 -3.04 -36.00
CA ILE B 382 12.13 -4.37 -36.00
C ILE B 382 13.37 -4.42 -36.88
N PRO B 383 13.24 -4.07 -38.18
CA PRO B 383 14.43 -4.12 -39.04
C PRO B 383 15.55 -3.21 -38.53
N ILE B 384 15.18 -2.10 -37.92
CA ILE B 384 16.15 -1.15 -37.37
C ILE B 384 16.91 -1.81 -36.22
N LEU B 385 16.18 -2.47 -35.33
CA LEU B 385 16.78 -3.17 -34.19
C LEU B 385 17.69 -4.28 -34.69
N ALA B 386 17.18 -5.06 -35.64
CA ALA B 386 17.92 -6.18 -36.21
C ALA B 386 19.24 -5.70 -36.81
N ARG B 387 19.15 -4.69 -37.66
CA ARG B 387 20.32 -4.13 -38.30
C ARG B 387 21.25 -3.55 -37.24
N ALA B 388 20.66 -2.87 -36.26
CA ALA B 388 21.41 -2.26 -35.16
C ALA B 388 22.27 -3.26 -34.41
N ILE B 389 21.70 -4.41 -34.07
CA ILE B 389 22.47 -5.42 -33.35
C ILE B 389 23.45 -6.16 -34.25
N ILE B 390 23.15 -6.26 -35.54
CA ILE B 390 24.05 -6.92 -36.49
C ILE B 390 25.32 -6.06 -36.59
N GLU B 391 25.11 -4.74 -36.62
CA GLU B 391 26.20 -3.78 -36.70
C GLU B 391 27.12 -3.90 -35.48
N VAL B 392 26.51 -4.09 -34.30
CA VAL B 392 27.27 -4.20 -33.05
C VAL B 392 28.09 -5.49 -32.99
N GLY B 393 27.84 -6.40 -33.93
CA GLY B 393 28.58 -7.65 -34.02
C GLY B 393 28.88 -8.42 -32.75
N VAL B 394 30.15 -8.43 -32.37
CA VAL B 394 30.61 -9.15 -31.18
C VAL B 394 31.36 -8.21 -30.24
#